data_4PZ7
#
_entry.id   4PZ7
#
_cell.length_a   56.260
_cell.length_b   79.130
_cell.length_c   116.830
_cell.angle_alpha   90.00
_cell.angle_beta   91.94
_cell.angle_gamma   90.00
#
_symmetry.space_group_name_H-M   'P 1 21 1'
#
loop_
_entity.id
_entity.type
_entity.pdbx_description
1 polymer 'mRNA-capping enzyme subunit alpha'
2 non-polymer 'SULFATE ION'
3 non-polymer GLYCEROL
4 water water
#
_entity_poly.entity_id   1
_entity_poly.type   'polypeptide(L)'
_entity_poly.pdbx_seq_one_letter_code
;SMAPSEKDIEEVSVPGVLAPRDDVRVLKTRIAKLLGTSPDTFPGSQPVSFSKKHLQALKEKNYFVCE(GPL)SDGIRCLL
YMTEHPRYENRPSVYLFDRKMNFYHVEKIFYPVENDKSGKKYHVDTLLDGELVLDIYPGGKKQLRYLVFDCLACDGIVYM
SRLLDKRLGIFAKSIQKPLDEYTKTHMRETAIFPFLTSLKKMELGHGILKLFNEVIPRLRHGNDGLIFTCTETPYVSGTD
QSLLKWKPKEMNTIDFMLKLEFAQPEEGDIDYSAMPEFQLGVWEGRNMYSFFAFMYVDEKEWEKLKSFNVPLSERIVECY
LDDENRWRFLRFRDDKRDANHISTVKSVLQSIEDGVSKEDLLKEMPIIREAYYNRKKPSVTKRKLDETSNDDAPAIKKVA
KESEKEI
;
_entity_poly.pdbx_strand_id   A,B
#
loop_
_chem_comp.id
_chem_comp.type
_chem_comp.name
_chem_comp.formula
GOL non-polymer GLYCEROL 'C3 H8 O3'
SO4 non-polymer 'SULFATE ION' 'O4 S -2'
#
# COMPACT_ATOMS: atom_id res chain seq x y z
N SER A 1 25.31 0.20 17.70
CA SER A 1 25.22 0.09 16.25
C SER A 1 24.94 1.47 15.63
N MET A 2 25.85 1.94 14.79
CA MET A 2 25.65 3.22 14.13
C MET A 2 24.49 3.12 13.15
N ALA A 3 23.74 4.21 13.00
CA ALA A 3 22.61 4.23 12.08
C ALA A 3 23.07 3.95 10.66
N PRO A 4 22.42 2.98 10.00
CA PRO A 4 22.79 2.63 8.62
C PRO A 4 22.50 3.78 7.65
N SER A 5 23.44 4.04 6.76
CA SER A 5 23.29 5.09 5.75
C SER A 5 23.95 4.63 4.46
N GLU A 6 24.00 5.51 3.46
CA GLU A 6 24.66 5.20 2.20
C GLU A 6 26.17 5.06 2.38
N LYS A 7 26.66 5.48 3.55
CA LYS A 7 28.08 5.35 3.89
C LYS A 7 28.49 3.89 4.08
N ASP A 8 27.50 3.02 4.25
CA ASP A 8 27.76 1.59 4.36
C ASP A 8 27.98 0.98 2.99
N ILE A 9 27.42 1.62 1.97
CA ILE A 9 27.51 1.14 0.60
C ILE A 9 28.93 1.20 0.05
N GLU A 10 29.41 0.07 -0.48
CA GLU A 10 30.69 0.04 -1.17
C GLU A 10 30.54 0.87 -2.45
N GLU A 11 31.23 2.00 -2.50
CA GLU A 11 31.08 2.92 -3.62
C GLU A 11 32.05 2.60 -4.76
N VAL A 12 31.51 2.53 -5.97
CA VAL A 12 32.34 2.35 -7.16
C VAL A 12 32.62 3.69 -7.81
N SER A 13 33.90 4.02 -7.97
CA SER A 13 34.30 5.27 -8.60
C SER A 13 35.03 4.97 -9.90
N VAL A 14 34.63 5.63 -10.99
CA VAL A 14 35.30 5.48 -12.27
C VAL A 14 36.74 5.95 -12.12
N PRO A 15 37.71 5.05 -12.34
CA PRO A 15 39.13 5.35 -12.11
C PRO A 15 39.70 6.19 -13.24
N GLY A 16 39.27 7.45 -13.30
CA GLY A 16 39.72 8.35 -14.33
C GLY A 16 39.35 9.78 -14.01
N VAL A 17 39.68 10.69 -14.94
CA VAL A 17 39.36 12.10 -14.77
C VAL A 17 38.37 12.50 -15.84
N LEU A 18 37.40 13.35 -15.47
CA LEU A 18 36.47 13.92 -16.44
C LEU A 18 37.21 14.52 -17.62
N ALA A 19 36.80 14.16 -18.83
CA ALA A 19 37.38 14.73 -20.03
C ALA A 19 36.89 16.17 -20.19
N PRO A 20 37.76 17.05 -20.69
CA PRO A 20 37.41 18.46 -20.90
C PRO A 20 36.28 18.62 -21.91
N ARG A 21 35.53 19.71 -21.82
CA ARG A 21 34.33 19.93 -22.65
C ARG A 21 34.60 19.90 -24.15
N ASP A 22 35.71 20.48 -24.57
CA ASP A 22 36.04 20.49 -26.00
C ASP A 22 36.38 19.09 -26.51
N ASP A 23 37.09 18.32 -25.69
CA ASP A 23 37.40 16.93 -26.01
C ASP A 23 36.13 16.09 -26.13
N VAL A 24 35.19 16.30 -25.21
CA VAL A 24 33.93 15.55 -25.18
C VAL A 24 33.09 15.80 -26.44
N ARG A 25 33.08 17.05 -26.90
CA ARG A 25 32.36 17.38 -28.13
C ARG A 25 32.90 16.59 -29.32
N VAL A 26 34.22 16.46 -29.40
CA VAL A 26 34.85 15.68 -30.45
C VAL A 26 34.47 14.21 -30.35
N LEU A 27 34.57 13.66 -29.13
CA LEU A 27 34.27 12.25 -28.89
C LEU A 27 32.82 11.90 -29.22
N LYS A 28 31.89 12.76 -28.80
CA LYS A 28 30.47 12.57 -29.11
C LYS A 28 30.22 12.54 -30.61
N THR A 29 30.76 13.54 -31.31
CA THR A 29 30.65 13.63 -32.76
C THR A 29 31.26 12.41 -33.43
N ARG A 30 32.44 12.02 -32.95
CA ARG A 30 33.17 10.89 -33.51
C ARG A 30 32.39 9.59 -33.34
N ILE A 31 31.84 9.37 -32.14
CA ILE A 31 31.02 8.21 -31.85
C ILE A 31 29.75 8.19 -32.71
N ALA A 32 29.12 9.36 -32.85
CA ALA A 32 27.92 9.49 -33.66
C ALA A 32 28.19 9.14 -35.12
N LYS A 33 29.31 9.61 -35.64
CA LYS A 33 29.71 9.32 -37.02
C LYS A 33 29.81 7.83 -37.27
N LEU A 34 30.49 7.12 -36.37
CA LEU A 34 30.70 5.69 -36.48
C LEU A 34 29.38 4.91 -36.38
N LEU A 35 28.59 5.23 -35.35
CA LEU A 35 27.37 4.46 -35.06
C LEU A 35 26.18 4.87 -35.93
N GLY A 36 26.18 6.12 -36.38
CA GLY A 36 25.04 6.65 -37.11
C GLY A 36 23.98 7.18 -36.15
N THR A 37 24.40 7.45 -34.93
CA THR A 37 23.51 7.94 -33.88
C THR A 37 23.55 9.46 -33.77
N SER A 38 22.86 10.00 -32.76
CA SER A 38 22.94 11.43 -32.45
C SER A 38 23.96 11.67 -31.36
N PRO A 39 24.86 12.64 -31.60
CA PRO A 39 26.00 12.97 -30.72
C PRO A 39 25.64 13.19 -29.25
N ASP A 40 24.58 13.96 -28.98
CA ASP A 40 24.20 14.28 -27.60
C ASP A 40 23.32 13.21 -26.96
N THR A 41 23.04 12.13 -27.69
CA THR A 41 22.16 11.09 -27.19
C THR A 41 22.87 9.75 -26.96
N PHE A 42 22.79 9.25 -25.73
CA PHE A 42 23.41 7.99 -25.33
C PHE A 42 22.97 6.84 -26.22
N PRO A 43 23.93 6.17 -26.87
CA PRO A 43 23.67 5.10 -27.84
C PRO A 43 23.51 3.73 -27.19
N GLY A 44 23.81 3.63 -25.90
CA GLY A 44 23.67 2.36 -25.21
C GLY A 44 22.22 1.94 -25.06
N SER A 45 22.01 0.64 -24.85
CA SER A 45 20.67 0.12 -24.65
C SER A 45 20.23 0.27 -23.20
N GLN A 46 18.92 0.32 -22.98
CA GLN A 46 18.38 0.27 -21.62
C GLN A 46 17.30 -0.79 -21.54
N PRO A 47 17.34 -1.61 -20.48
CA PRO A 47 16.37 -2.70 -20.30
C PRO A 47 15.01 -2.19 -19.85
N VAL A 48 13.97 -3.00 -20.02
CA VAL A 48 12.65 -2.72 -19.47
C VAL A 48 12.45 -3.59 -18.25
N SER A 49 11.54 -3.18 -17.36
CA SER A 49 11.25 -3.98 -16.17
C SER A 49 10.56 -5.28 -16.55
N PHE A 50 11.01 -6.39 -15.97
CA PHE A 50 10.40 -7.70 -16.21
C PHE A 50 8.96 -7.70 -15.72
N SER A 51 8.02 -8.07 -16.60
CA SER A 51 6.63 -8.19 -16.22
C SER A 51 6.06 -9.55 -16.65
N LYS A 52 4.78 -9.75 -16.37
CA LYS A 52 4.11 -11.04 -16.61
C LYS A 52 4.18 -11.52 -18.06
N LYS A 53 4.06 -10.59 -18.99
CA LYS A 53 4.08 -10.91 -20.42
C LYS A 53 5.44 -11.48 -20.84
N HIS A 54 6.46 -11.27 -20.02
CA HIS A 54 7.82 -11.66 -20.34
C HIS A 54 8.11 -13.13 -20.04
N LEU A 55 7.18 -13.80 -19.36
CA LEU A 55 7.28 -15.23 -19.17
C LEU A 55 7.09 -15.91 -20.53
N GLN A 56 6.20 -15.34 -21.33
CA GLN A 56 5.93 -15.85 -22.68
C GLN A 56 7.07 -15.48 -23.63
N ALA A 57 7.68 -14.32 -23.41
CA ALA A 57 8.81 -13.88 -24.22
C ALA A 57 9.98 -14.87 -24.11
N LEU A 58 10.31 -15.24 -22.87
CA LEU A 58 11.38 -16.21 -22.60
C LEU A 58 11.05 -17.58 -23.18
N LYS A 59 9.77 -17.81 -23.45
CA LYS A 59 9.28 -19.08 -23.96
C LYS A 59 9.40 -19.14 -25.48
N GLU A 60 9.41 -17.97 -26.10
CA GLU A 60 9.36 -17.86 -27.56
C GLU A 60 10.71 -17.65 -28.21
N LYS A 61 11.70 -17.18 -27.44
CA LYS A 61 13.00 -16.86 -28.02
C LYS A 61 14.16 -17.33 -27.16
N ASN A 62 15.33 -17.45 -27.80
CA ASN A 62 16.55 -17.79 -27.10
C ASN A 62 17.04 -16.61 -26.28
N TYR A 63 17.38 -16.88 -25.02
CA TYR A 63 17.78 -15.84 -24.09
C TYR A 63 18.98 -16.28 -23.28
N PHE A 64 19.83 -15.33 -22.92
CA PHE A 64 20.83 -15.56 -21.90
C PHE A 64 20.36 -14.85 -20.65
N VAL A 65 20.86 -15.28 -19.49
CA VAL A 65 20.57 -14.59 -18.25
C VAL A 65 21.85 -14.52 -17.42
N CYS A 66 22.07 -13.38 -16.77
CA CYS A 66 23.21 -13.21 -15.89
C CYS A 66 22.82 -12.34 -14.72
N GLU A 67 23.69 -12.26 -13.71
CA GLU A 67 23.42 -11.44 -12.55
C GLU A 67 23.49 -9.95 -12.90
P GPL A 68 19.73 -1.66 -11.36
O1P GPL A 68 18.21 -1.28 -11.18
O2P GPL A 68 20.53 -0.97 -10.32
O5' GPL A 68 20.21 -1.24 -12.76
C5' GPL A 68 21.51 -1.56 -13.18
C4' GPL A 68 21.82 -1.30 -14.62
O4' GPL A 68 23.14 -1.73 -14.98
C3' GPL A 68 20.95 -2.09 -15.46
O3' GPL A 68 19.72 -1.40 -15.68
C2' GPL A 68 21.66 -2.22 -16.67
O2' GPL A 68 21.45 -1.03 -17.48
C1' GPL A 68 23.01 -2.30 -16.31
N9 GPL A 68 23.48 -3.66 -16.28
C8 GPL A 68 23.98 -4.29 -15.19
N7 GPL A 68 24.32 -5.55 -15.53
C5 GPL A 68 24.01 -5.76 -16.89
C6 GPL A 68 24.14 -6.86 -17.79
O6 GPL A 68 24.67 -8.05 -17.35
N1 GPL A 68 23.74 -6.74 -19.13
C2 GPL A 68 23.23 -5.59 -19.55
N2 GPL A 68 22.80 -5.47 -20.96
N3 GPL A 68 23.09 -4.52 -18.73
C4 GPL A 68 23.49 -4.58 -17.36
N GPL A 68 22.55 -9.18 -12.37
CA GPL A 68 22.53 -7.80 -12.61
CB GPL A 68 21.10 -7.29 -12.40
CG GPL A 68 20.79 -5.81 -12.67
CD GPL A 68 19.35 -5.40 -12.62
CE GPL A 68 19.02 -3.97 -12.19
NZ GPL A 68 19.89 -3.32 -11.19
C GPL A 68 23.45 -7.17 -11.62
O GPL A 68 23.11 -7.07 -10.44
N SER A 69 24.62 -6.74 -12.09
CA SER A 69 25.67 -6.28 -11.18
C SER A 69 25.40 -4.90 -10.58
N ASP A 70 25.75 -4.74 -9.31
CA ASP A 70 25.79 -3.43 -8.69
C ASP A 70 27.10 -2.79 -9.16
N GLY A 71 27.02 -1.54 -9.60
CA GLY A 71 28.18 -0.85 -10.13
C GLY A 71 27.77 0.25 -11.07
N ILE A 72 28.67 0.62 -11.97
CA ILE A 72 28.37 1.69 -12.92
C ILE A 72 28.33 1.16 -14.36
N ARG A 73 27.22 1.42 -15.03
CA ARG A 73 27.09 1.04 -16.43
C ARG A 73 27.89 2.03 -17.27
N CYS A 74 28.89 1.52 -17.99
CA CYS A 74 29.76 2.37 -18.79
C CYS A 74 30.00 1.75 -20.16
N LEU A 75 30.03 2.60 -21.19
CA LEU A 75 30.51 2.19 -22.50
C LEU A 75 32.00 2.52 -22.56
N LEU A 76 32.79 1.64 -23.18
CA LEU A 76 34.22 1.87 -23.28
C LEU A 76 34.61 2.21 -24.72
N TYR A 77 35.32 3.33 -24.88
CA TYR A 77 35.69 3.82 -26.20
C TYR A 77 37.20 3.84 -26.37
N MET A 78 37.70 3.06 -27.33
CA MET A 78 39.12 3.08 -27.67
C MET A 78 39.32 3.97 -28.88
N THR A 79 40.10 5.04 -28.72
CA THR A 79 40.33 5.97 -29.81
C THR A 79 41.68 6.66 -29.64
N GLU A 80 41.87 7.77 -30.36
CA GLU A 80 43.04 8.61 -30.16
C GLU A 80 42.64 9.85 -29.36
N HIS A 81 43.59 10.40 -28.62
CA HIS A 81 43.33 11.61 -27.84
C HIS A 81 42.97 12.78 -28.76
N PRO A 82 41.81 13.39 -28.52
CA PRO A 82 41.27 14.50 -29.34
C PRO A 82 42.26 15.66 -29.52
N ARG A 83 43.17 15.85 -28.58
CA ARG A 83 44.17 16.91 -28.67
C ARG A 83 45.50 16.39 -29.21
N TYR A 84 45.78 15.12 -28.95
CA TYR A 84 47.03 14.52 -29.37
C TYR A 84 46.74 13.26 -30.18
N GLU A 85 46.66 13.42 -31.50
CA GLU A 85 46.24 12.35 -32.39
C GLU A 85 47.20 11.15 -32.37
N ASN A 86 48.42 11.37 -31.93
CA ASN A 86 49.41 10.31 -31.84
C ASN A 86 49.28 9.51 -30.54
N ARG A 87 48.33 9.90 -29.70
CA ARG A 87 48.17 9.31 -28.38
C ARG A 87 46.91 8.46 -28.28
N PRO A 88 47.09 7.14 -28.09
CA PRO A 88 45.95 6.24 -27.88
C PRO A 88 45.24 6.61 -26.59
N SER A 89 43.91 6.59 -26.60
CA SER A 89 43.15 7.00 -25.42
C SER A 89 41.89 6.17 -25.21
N VAL A 90 41.61 5.85 -23.95
CA VAL A 90 40.46 5.05 -23.59
C VAL A 90 39.49 5.86 -22.74
N TYR A 91 38.21 5.83 -23.10
CA TYR A 91 37.20 6.58 -22.35
C TYR A 91 36.08 5.67 -21.85
N LEU A 92 35.64 5.91 -20.63
CA LEU A 92 34.45 5.28 -20.08
C LEU A 92 33.40 6.38 -19.96
N PHE A 93 32.21 6.16 -20.53
CA PHE A 93 31.15 7.14 -20.39
C PHE A 93 29.81 6.52 -20.04
N ASP A 94 29.04 7.23 -19.20
CA ASP A 94 27.76 6.72 -18.70
C ASP A 94 26.57 7.23 -19.50
N ARG A 95 25.36 6.90 -19.04
CA ARG A 95 24.14 7.27 -19.73
C ARG A 95 23.86 8.77 -19.71
N LYS A 96 24.48 9.47 -18.77
CA LYS A 96 24.37 10.93 -18.69
C LYS A 96 25.44 11.56 -19.57
N MET A 97 26.13 10.72 -20.34
CA MET A 97 27.19 11.17 -21.24
C MET A 97 28.32 11.92 -20.53
N ASN A 98 28.65 11.46 -19.33
CA ASN A 98 29.84 11.92 -18.63
C ASN A 98 31.04 11.10 -19.05
N PHE A 99 32.00 11.73 -19.72
CA PHE A 99 33.18 11.03 -20.21
C PHE A 99 34.33 11.10 -19.22
N TYR A 100 34.93 9.94 -18.94
CA TYR A 100 36.09 9.88 -18.06
C TYR A 100 37.29 9.34 -18.83
N HIS A 101 38.43 10.02 -18.70
CA HIS A 101 39.65 9.59 -19.35
C HIS A 101 40.43 8.64 -18.44
N VAL A 102 40.66 7.42 -18.93
CA VAL A 102 41.35 6.38 -18.16
C VAL A 102 42.79 6.22 -18.64
N GLU A 103 43.75 6.27 -17.72
CA GLU A 103 45.15 6.12 -18.07
C GLU A 103 45.72 4.78 -17.62
N LYS A 104 46.94 4.47 -18.06
CA LYS A 104 47.63 3.24 -17.70
C LYS A 104 46.84 1.98 -18.02
N ILE A 105 45.95 2.07 -19.01
CA ILE A 105 45.17 0.91 -19.45
C ILE A 105 45.71 0.47 -20.81
N PHE A 106 45.64 -0.84 -21.09
CA PHE A 106 46.26 -1.39 -22.28
C PHE A 106 45.48 -2.55 -22.89
N TYR A 107 45.08 -2.38 -24.15
CA TYR A 107 44.37 -3.42 -24.88
C TYR A 107 45.17 -3.87 -26.10
N PRO A 108 45.97 -4.93 -25.93
CA PRO A 108 46.89 -5.43 -26.96
C PRO A 108 46.21 -5.72 -28.29
N VAL A 109 46.98 -5.73 -29.37
CA VAL A 109 46.49 -6.16 -30.66
C VAL A 109 47.03 -7.57 -30.91
N GLU A 110 46.22 -8.41 -31.55
CA GLU A 110 46.57 -9.81 -31.80
C GLU A 110 47.90 -9.95 -32.53
N ASN A 111 48.72 -10.91 -32.10
CA ASN A 111 49.96 -11.26 -32.77
C ASN A 111 50.97 -10.12 -32.95
N ASP A 112 50.84 -9.06 -32.15
CA ASP A 112 51.81 -7.97 -32.18
C ASP A 112 52.81 -8.12 -31.04
N LYS A 113 54.08 -8.29 -31.38
CA LYS A 113 55.11 -8.50 -30.39
C LYS A 113 55.73 -7.17 -29.93
N SER A 114 55.54 -6.12 -30.72
CA SER A 114 56.02 -4.80 -30.35
C SER A 114 55.26 -4.28 -29.14
N GLY A 115 53.96 -4.53 -29.12
CA GLY A 115 53.10 -4.01 -28.06
C GLY A 115 52.96 -2.51 -28.20
N LYS A 116 52.91 -2.04 -29.45
CA LYS A 116 52.80 -0.61 -29.73
C LYS A 116 51.59 -0.29 -30.58
N LYS A 117 51.06 -1.29 -31.29
CA LYS A 117 49.82 -1.12 -32.02
C LYS A 117 48.67 -0.98 -31.03
N TYR A 118 47.55 -0.44 -31.49
CA TYR A 118 46.43 -0.17 -30.60
C TYR A 118 45.10 -0.12 -31.34
N HIS A 119 44.00 -0.20 -30.59
CA HIS A 119 42.67 -0.22 -31.18
C HIS A 119 42.06 1.17 -31.27
N VAL A 120 41.29 1.39 -32.33
CA VAL A 120 40.53 2.62 -32.52
C VAL A 120 39.12 2.27 -32.98
N ASP A 121 38.19 3.22 -32.84
CA ASP A 121 36.81 3.03 -33.26
C ASP A 121 36.24 1.71 -32.71
N THR A 122 36.54 1.44 -31.45
CA THR A 122 36.08 0.22 -30.77
C THR A 122 35.23 0.60 -29.58
N LEU A 123 34.01 0.06 -29.52
CA LEU A 123 33.06 0.46 -28.50
C LEU A 123 32.45 -0.74 -27.78
N LEU A 124 32.69 -0.81 -26.47
CA LEU A 124 32.20 -1.93 -25.67
C LEU A 124 31.07 -1.48 -24.75
N ASP A 125 30.18 -2.41 -24.41
CA ASP A 125 29.15 -2.17 -23.42
C ASP A 125 29.41 -3.08 -22.23
N GLY A 126 29.36 -2.52 -21.02
CA GLY A 126 29.65 -3.32 -19.85
C GLY A 126 29.40 -2.62 -18.53
N GLU A 127 29.88 -3.24 -17.46
CA GLU A 127 29.73 -2.64 -16.14
C GLU A 127 31.01 -2.65 -15.34
N LEU A 128 31.33 -1.49 -14.76
CA LEU A 128 32.46 -1.37 -13.86
C LEU A 128 32.03 -1.80 -12.47
N VAL A 129 32.65 -2.85 -11.94
CA VAL A 129 32.30 -3.35 -10.62
C VAL A 129 33.51 -3.34 -9.69
N LEU A 130 33.24 -3.39 -8.40
CA LEU A 130 34.31 -3.44 -7.41
C LEU A 130 34.28 -4.75 -6.65
N ASP A 131 35.23 -5.63 -6.93
CA ASP A 131 35.31 -6.91 -6.22
C ASP A 131 36.04 -6.75 -4.90
N ILE A 132 35.48 -7.33 -3.84
CA ILE A 132 36.09 -7.30 -2.52
C ILE A 132 36.84 -8.60 -2.25
N TYR A 133 38.06 -8.48 -1.75
CA TYR A 133 38.88 -9.64 -1.38
C TYR A 133 39.21 -9.53 0.11
N PRO A 134 39.64 -10.65 0.73
CA PRO A 134 39.97 -10.60 2.16
C PRO A 134 41.14 -9.65 2.43
N GLY A 135 41.19 -9.08 3.64
CA GLY A 135 42.23 -8.13 3.99
C GLY A 135 42.01 -6.76 3.39
N GLY A 136 40.75 -6.47 3.05
CA GLY A 136 40.41 -5.18 2.47
C GLY A 136 41.03 -4.93 1.12
N LYS A 137 41.46 -6.00 0.44
CA LYS A 137 41.95 -5.87 -0.92
C LYS A 137 40.77 -5.63 -1.85
N LYS A 138 40.86 -4.60 -2.67
CA LYS A 138 39.79 -4.27 -3.60
C LYS A 138 40.32 -4.31 -5.03
N GLN A 139 39.49 -4.80 -5.95
CA GLN A 139 39.90 -4.90 -7.34
C GLN A 139 38.80 -4.39 -8.27
N LEU A 140 39.07 -3.27 -8.93
CA LEU A 140 38.16 -2.76 -9.94
C LEU A 140 38.17 -3.67 -11.15
N ARG A 141 37.00 -3.85 -11.76
CA ARG A 141 36.85 -4.80 -12.84
C ARG A 141 35.80 -4.31 -13.82
N TYR A 142 36.07 -4.43 -15.11
CA TYR A 142 35.11 -4.06 -16.13
C TYR A 142 34.55 -5.30 -16.82
N LEU A 143 33.32 -5.65 -16.49
CA LEU A 143 32.65 -6.80 -17.07
C LEU A 143 31.97 -6.41 -18.38
N VAL A 144 32.42 -6.99 -19.48
CA VAL A 144 31.85 -6.68 -20.80
C VAL A 144 30.69 -7.60 -21.14
N PHE A 145 29.55 -7.02 -21.52
CA PHE A 145 28.38 -7.81 -21.89
C PHE A 145 27.82 -7.50 -23.28
N ASP A 146 28.49 -6.61 -24.01
CA ASP A 146 28.16 -6.35 -25.42
C ASP A 146 29.23 -5.54 -26.14
N CYS A 147 29.21 -5.62 -27.47
CA CYS A 147 30.13 -4.85 -28.31
C CYS A 147 29.35 -4.17 -29.41
N LEU A 148 29.50 -2.85 -29.51
CA LEU A 148 28.79 -2.06 -30.51
C LEU A 148 29.63 -1.91 -31.76
N ALA A 149 30.94 -1.81 -31.58
CA ALA A 149 31.86 -1.67 -32.70
C ALA A 149 33.24 -2.19 -32.33
N CYS A 150 33.90 -2.84 -33.29
CA CYS A 150 35.25 -3.36 -33.06
C CYS A 150 36.12 -3.08 -34.28
N ASP A 151 37.22 -2.36 -34.06
CA ASP A 151 38.20 -2.06 -35.10
C ASP A 151 37.60 -1.34 -36.31
N GLY A 152 36.67 -0.42 -36.06
CA GLY A 152 36.11 0.38 -37.12
C GLY A 152 34.83 -0.18 -37.72
N ILE A 153 34.52 -1.43 -37.42
CA ILE A 153 33.31 -2.07 -37.92
C ILE A 153 32.18 -2.08 -36.87
N VAL A 154 30.99 -1.67 -37.28
CA VAL A 154 29.82 -1.66 -36.40
C VAL A 154 29.14 -3.02 -36.39
N TYR A 155 28.93 -3.59 -35.21
CA TYR A 155 28.32 -4.91 -35.09
C TYR A 155 26.93 -4.86 -34.47
N MET A 156 26.34 -3.68 -34.41
CA MET A 156 25.02 -3.50 -33.79
C MET A 156 23.90 -4.19 -34.56
N SER A 157 24.10 -4.40 -35.85
CA SER A 157 23.09 -5.04 -36.69
C SER A 157 23.10 -6.56 -36.55
N ARG A 158 24.20 -7.08 -36.00
CA ARG A 158 24.35 -8.52 -35.80
C ARG A 158 23.73 -8.95 -34.48
N LEU A 159 23.61 -10.26 -34.27
CA LEU A 159 23.08 -10.78 -33.03
C LEU A 159 24.19 -10.88 -31.98
N LEU A 160 23.82 -11.24 -30.76
CA LEU A 160 24.73 -11.26 -29.62
C LEU A 160 25.92 -12.19 -29.83
N ASP A 161 25.69 -13.32 -30.50
CA ASP A 161 26.73 -14.31 -30.75
C ASP A 161 27.92 -13.71 -31.49
N LYS A 162 27.63 -13.03 -32.59
CA LYS A 162 28.66 -12.38 -33.40
C LYS A 162 29.26 -11.18 -32.67
N ARG A 163 28.42 -10.45 -31.94
CA ARG A 163 28.85 -9.26 -31.21
C ARG A 163 29.89 -9.55 -30.14
N LEU A 164 29.57 -10.50 -29.25
CA LEU A 164 30.51 -10.89 -28.20
C LEU A 164 31.67 -11.69 -28.78
N GLY A 165 31.40 -12.38 -29.88
CA GLY A 165 32.41 -13.18 -30.56
C GLY A 165 33.58 -12.35 -31.06
N ILE A 166 33.28 -11.23 -31.70
CA ILE A 166 34.31 -10.35 -32.23
C ILE A 166 35.12 -9.69 -31.12
N PHE A 167 34.47 -9.39 -29.99
CA PHE A 167 35.15 -8.78 -28.85
C PHE A 167 36.11 -9.76 -28.21
N ALA A 168 35.67 -11.01 -28.08
CA ALA A 168 36.49 -12.04 -27.45
C ALA A 168 37.78 -12.27 -28.23
N LYS A 169 37.67 -12.32 -29.56
CA LYS A 169 38.82 -12.61 -30.41
C LYS A 169 39.79 -11.43 -30.56
N SER A 170 39.24 -10.25 -30.84
CA SER A 170 40.06 -9.08 -31.13
C SER A 170 40.58 -8.35 -29.89
N ILE A 171 39.86 -8.49 -28.77
CA ILE A 171 40.21 -7.75 -27.56
C ILE A 171 40.61 -8.64 -26.37
N GLN A 172 39.67 -9.46 -25.89
CA GLN A 172 39.89 -10.25 -24.68
C GLN A 172 41.00 -11.28 -24.84
N LYS A 173 40.94 -12.06 -25.91
CA LYS A 173 41.95 -13.10 -26.16
C LYS A 173 43.40 -12.59 -26.18
N PRO A 174 43.69 -11.52 -26.96
CA PRO A 174 45.05 -10.99 -26.90
C PRO A 174 45.38 -10.45 -25.52
N LEU A 175 44.40 -9.82 -24.86
CA LEU A 175 44.60 -9.33 -23.50
C LEU A 175 44.91 -10.47 -22.55
N ASP A 176 44.22 -11.60 -22.74
CA ASP A 176 44.49 -12.80 -21.95
C ASP A 176 45.91 -13.29 -22.20
N GLU A 177 46.33 -13.28 -23.46
CA GLU A 177 47.68 -13.68 -23.82
C GLU A 177 48.72 -12.80 -23.15
N TYR A 178 48.50 -11.49 -23.21
CA TYR A 178 49.41 -10.53 -22.58
C TYR A 178 49.48 -10.73 -21.07
N THR A 179 48.32 -10.82 -20.42
CA THR A 179 48.23 -10.90 -18.97
C THR A 179 48.94 -12.12 -18.38
N LYS A 180 48.83 -13.25 -19.07
CA LYS A 180 49.42 -14.50 -18.62
C LYS A 180 50.93 -14.42 -18.46
N THR A 181 51.57 -13.59 -19.28
CA THR A 181 53.02 -13.49 -19.33
C THR A 181 53.52 -12.15 -18.81
N HIS A 182 52.64 -11.36 -18.21
CA HIS A 182 52.97 -10.01 -17.77
C HIS A 182 52.23 -9.58 -16.49
N MET A 183 52.18 -10.45 -15.48
CA MET A 183 51.46 -10.16 -14.24
C MET A 183 51.93 -8.89 -13.55
N ARG A 184 53.23 -8.61 -13.66
CA ARG A 184 53.82 -7.39 -13.10
C ARG A 184 53.22 -6.13 -13.74
N GLU A 185 53.16 -6.12 -15.06
CA GLU A 185 52.56 -5.01 -15.79
C GLU A 185 51.06 -4.88 -15.53
N THR A 186 50.39 -6.03 -15.46
CA THR A 186 48.93 -6.09 -15.26
C THR A 186 48.47 -5.34 -14.00
N ALA A 187 49.27 -5.44 -12.94
CA ALA A 187 48.93 -4.84 -11.66
C ALA A 187 48.81 -3.31 -11.69
N ILE A 188 49.35 -2.69 -12.75
CA ILE A 188 49.27 -1.24 -12.92
C ILE A 188 47.89 -0.83 -13.46
N PHE A 189 47.20 -1.76 -14.11
CA PHE A 189 45.87 -1.51 -14.65
C PHE A 189 44.91 -0.98 -13.58
N PRO A 190 44.21 0.12 -13.89
CA PRO A 190 43.22 0.73 -12.98
C PRO A 190 42.06 -0.24 -12.75
N PHE A 191 41.82 -1.08 -13.75
CA PHE A 191 40.82 -2.14 -13.64
C PHE A 191 41.16 -3.29 -14.57
N LEU A 192 40.65 -4.47 -14.25
CA LEU A 192 40.81 -5.63 -15.13
C LEU A 192 39.59 -5.82 -16.00
N THR A 193 39.79 -6.26 -17.23
CA THR A 193 38.71 -6.42 -18.19
C THR A 193 38.46 -7.90 -18.45
N SER A 194 37.19 -8.29 -18.44
CA SER A 194 36.83 -9.67 -18.71
C SER A 194 35.44 -9.77 -19.33
N LEU A 195 35.21 -10.85 -20.07
CA LEU A 195 33.89 -11.09 -20.65
C LEU A 195 32.95 -11.56 -19.54
N LYS A 196 31.76 -10.97 -19.47
CA LYS A 196 30.81 -11.36 -18.43
C LYS A 196 30.20 -12.72 -18.75
N LYS A 197 30.35 -13.65 -17.81
CA LYS A 197 29.79 -14.99 -17.96
C LYS A 197 28.27 -14.98 -17.91
N MET A 198 27.63 -15.72 -18.81
CA MET A 198 26.18 -15.78 -18.87
C MET A 198 25.68 -17.22 -18.86
N GLU A 199 24.44 -17.40 -18.41
CA GLU A 199 23.79 -18.70 -18.43
C GLU A 199 22.67 -18.70 -19.45
N LEU A 200 22.20 -19.89 -19.82
CA LEU A 200 21.01 -20.00 -20.66
C LEU A 200 19.82 -19.47 -19.88
N GLY A 201 18.83 -18.92 -20.60
CA GLY A 201 17.70 -18.25 -19.99
C GLY A 201 16.96 -19.00 -18.90
N HIS A 202 16.93 -20.33 -19.02
CA HIS A 202 16.22 -21.18 -18.08
C HIS A 202 17.09 -21.63 -16.91
N GLY A 203 18.24 -20.98 -16.73
CA GLY A 203 19.19 -21.41 -15.71
C GLY A 203 19.33 -20.48 -14.52
N ILE A 204 18.24 -19.82 -14.14
CA ILE A 204 18.27 -18.83 -13.05
C ILE A 204 18.50 -19.45 -11.66
N LEU A 205 18.08 -20.69 -11.48
CA LEU A 205 18.22 -21.37 -10.18
C LEU A 205 19.70 -21.58 -9.87
N LYS A 206 20.48 -21.87 -10.90
CA LYS A 206 21.91 -22.02 -10.76
C LYS A 206 22.55 -20.69 -10.32
N LEU A 207 22.05 -19.60 -10.89
CA LEU A 207 22.53 -18.27 -10.52
C LEU A 207 22.21 -17.95 -9.06
N PHE A 208 20.98 -18.25 -8.66
CA PHE A 208 20.52 -17.97 -7.30
C PHE A 208 21.30 -18.74 -6.25
N ASN A 209 21.55 -20.03 -6.49
CA ASN A 209 22.12 -20.90 -5.47
C ASN A 209 23.64 -21.08 -5.52
N GLU A 210 24.24 -20.87 -6.69
CA GLU A 210 25.67 -21.15 -6.86
C GLU A 210 26.52 -19.94 -7.24
N VAL A 211 26.08 -19.17 -8.22
CA VAL A 211 26.86 -18.06 -8.75
C VAL A 211 26.77 -16.79 -7.90
N ILE A 212 25.55 -16.27 -7.73
CA ILE A 212 25.32 -15.04 -6.99
C ILE A 212 25.95 -14.98 -5.58
N PRO A 213 25.74 -16.02 -4.75
CA PRO A 213 26.34 -15.92 -3.41
C PRO A 213 27.86 -16.00 -3.39
N ARG A 214 28.47 -16.38 -4.52
CA ARG A 214 29.93 -16.46 -4.60
C ARG A 214 30.55 -15.20 -5.22
N LEU A 215 29.69 -14.30 -5.67
CA LEU A 215 30.13 -13.03 -6.26
C LEU A 215 30.91 -12.19 -5.26
N ARG A 216 31.88 -11.42 -5.76
CA ARG A 216 32.68 -10.57 -4.89
C ARG A 216 32.28 -9.11 -5.00
N HIS A 217 31.21 -8.85 -5.76
CA HIS A 217 30.67 -7.50 -5.87
C HIS A 217 29.17 -7.52 -5.62
N GLY A 218 28.57 -6.34 -5.48
CA GLY A 218 27.15 -6.24 -5.20
C GLY A 218 26.28 -6.80 -6.31
N ASN A 219 25.18 -7.45 -5.94
CA ASN A 219 24.23 -7.98 -6.91
C ASN A 219 22.88 -7.29 -6.78
N ASP A 220 22.24 -7.02 -7.90
CA ASP A 220 20.98 -6.26 -7.89
C ASP A 220 19.90 -6.94 -8.73
N GLY A 221 19.87 -8.27 -8.71
CA GLY A 221 18.86 -9.00 -9.46
C GLY A 221 19.40 -9.68 -10.70
N LEU A 222 18.56 -9.75 -11.74
CA LEU A 222 18.92 -10.46 -12.96
C LEU A 222 18.72 -9.63 -14.23
N ILE A 223 19.54 -9.88 -15.24
CA ILE A 223 19.36 -9.30 -16.56
C ILE A 223 19.14 -10.40 -17.59
N PHE A 224 18.06 -10.29 -18.37
CA PHE A 224 17.80 -11.23 -19.46
C PHE A 224 18.17 -10.60 -20.80
N THR A 225 18.98 -11.31 -21.58
CA THR A 225 19.44 -10.79 -22.87
C THR A 225 19.03 -11.71 -24.02
N CYS A 226 18.21 -11.19 -24.94
CA CYS A 226 17.78 -11.97 -26.08
C CYS A 226 18.92 -12.14 -27.07
N THR A 227 19.03 -13.33 -27.66
CA THR A 227 20.13 -13.65 -28.56
C THR A 227 19.71 -13.65 -30.03
N GLU A 228 18.47 -13.24 -30.29
CA GLU A 228 17.95 -13.22 -31.66
C GLU A 228 17.62 -11.80 -32.08
N THR A 229 18.23 -10.82 -31.41
CA THR A 229 17.94 -9.42 -31.65
C THR A 229 19.19 -8.57 -31.82
N PRO A 230 19.12 -7.55 -32.69
CA PRO A 230 20.23 -6.62 -32.89
C PRO A 230 20.35 -5.67 -31.70
N TYR A 231 21.48 -4.99 -31.56
CA TYR A 231 21.65 -4.01 -30.50
C TYR A 231 20.73 -2.82 -30.72
N VAL A 232 19.97 -2.44 -29.69
CA VAL A 232 19.05 -1.33 -29.78
C VAL A 232 19.53 -0.14 -28.96
N SER A 233 19.64 1.03 -29.57
CA SER A 233 19.95 2.23 -28.81
C SER A 233 18.70 2.71 -28.07
N GLY A 234 18.84 3.01 -26.78
CA GLY A 234 17.70 3.40 -25.96
C GLY A 234 16.97 2.21 -25.37
N THR A 235 15.70 2.39 -25.08
CA THR A 235 14.87 1.35 -24.49
C THR A 235 14.71 0.13 -25.42
N ASP A 236 15.22 -1.02 -24.99
CA ASP A 236 15.10 -2.26 -25.75
C ASP A 236 14.11 -3.22 -25.09
N GLN A 237 12.99 -3.44 -25.77
CA GLN A 237 11.90 -4.27 -25.25
C GLN A 237 12.28 -5.74 -25.11
N SER A 238 13.42 -6.12 -25.67
CA SER A 238 13.90 -7.49 -25.59
C SER A 238 14.82 -7.68 -24.39
N LEU A 239 15.38 -6.58 -23.91
CA LEU A 239 16.30 -6.59 -22.77
C LEU A 239 15.52 -6.40 -21.47
N LEU A 240 15.60 -7.39 -20.58
CA LEU A 240 14.76 -7.41 -19.39
C LEU A 240 15.55 -7.39 -18.08
N LYS A 241 15.19 -6.50 -17.18
CA LYS A 241 15.77 -6.48 -15.84
C LYS A 241 14.78 -7.03 -14.81
N TRP A 242 15.21 -8.03 -14.03
CA TRP A 242 14.36 -8.59 -12.99
C TRP A 242 14.93 -8.29 -11.62
N LYS A 243 14.07 -7.85 -10.71
CA LYS A 243 14.48 -7.55 -9.34
C LYS A 243 13.43 -8.03 -8.34
N PRO A 244 13.89 -8.62 -7.22
CA PRO A 244 12.97 -8.94 -6.12
C PRO A 244 12.38 -7.65 -5.57
N LYS A 245 11.19 -7.72 -4.99
CA LYS A 245 10.49 -6.53 -4.52
C LYS A 245 11.31 -5.73 -3.51
N GLU A 246 12.06 -6.43 -2.65
CA GLU A 246 12.84 -5.77 -1.60
C GLU A 246 13.94 -4.88 -2.15
N MET A 247 14.38 -5.13 -3.39
CA MET A 247 15.42 -4.33 -4.03
C MET A 247 14.83 -3.13 -4.76
N ASN A 248 13.54 -3.17 -5.04
CA ASN A 248 12.85 -2.03 -5.65
C ASN A 248 12.54 -0.97 -4.61
N THR A 249 13.58 -0.28 -4.15
CA THR A 249 13.44 0.68 -3.06
C THR A 249 12.97 2.07 -3.53
N ILE A 250 12.47 2.84 -2.58
CA ILE A 250 12.03 4.21 -2.83
C ILE A 250 12.52 5.08 -1.69
N ASP A 251 12.94 6.30 -1.99
CA ASP A 251 13.39 7.22 -0.95
C ASP A 251 12.25 8.16 -0.55
N PHE A 252 11.92 8.14 0.75
CA PHE A 252 10.84 8.97 1.28
C PHE A 252 11.37 9.97 2.29
N MET A 253 10.56 10.98 2.59
CA MET A 253 10.81 11.85 3.74
C MET A 253 10.09 11.25 4.93
N LEU A 254 10.83 10.98 6.01
CA LEU A 254 10.23 10.41 7.21
C LEU A 254 9.86 11.49 8.24
N LYS A 255 8.65 11.39 8.77
CA LYS A 255 8.20 12.28 9.84
C LYS A 255 7.64 11.46 10.98
N LEU A 256 7.98 11.84 12.21
CA LEU A 256 7.44 11.16 13.38
C LEU A 256 6.35 12.01 14.02
N GLU A 257 5.27 11.36 14.43
CA GLU A 257 4.17 12.05 15.10
C GLU A 257 3.83 11.31 16.39
N PHE A 258 4.03 11.97 17.51
CA PHE A 258 3.73 11.37 18.81
C PHE A 258 2.34 11.76 19.29
N ALA A 259 1.59 10.77 19.76
CA ALA A 259 0.21 11.01 20.20
C ALA A 259 0.18 11.62 21.60
N GLN A 260 -0.53 12.73 21.73
CA GLN A 260 -0.77 13.36 23.02
C GLN A 260 -1.91 12.63 23.73
N PRO A 261 -1.63 12.07 24.91
CA PRO A 261 -2.63 11.31 25.67
C PRO A 261 -3.68 12.23 26.27
N GLU A 262 -4.79 11.65 26.73
CA GLU A 262 -5.83 12.41 27.39
C GLU A 262 -5.29 13.12 28.62
N GLU A 263 -4.59 12.38 29.48
CA GLU A 263 -4.08 12.93 30.72
C GLU A 263 -2.56 12.76 30.84
N GLY A 264 -1.89 13.81 31.31
CA GLY A 264 -0.45 13.76 31.52
C GLY A 264 0.35 14.19 30.30
N ASP A 265 1.66 13.97 30.36
CA ASP A 265 2.56 14.37 29.29
C ASP A 265 2.85 13.23 28.31
N ILE A 266 3.35 13.59 27.14
CA ILE A 266 3.67 12.62 26.10
C ILE A 266 4.80 11.67 26.51
N ASP A 267 4.56 10.37 26.35
CA ASP A 267 5.61 9.37 26.55
C ASP A 267 6.38 9.21 25.25
N TYR A 268 7.55 9.82 25.17
CA TYR A 268 8.35 9.77 23.95
C TYR A 268 9.09 8.45 23.77
N SER A 269 9.03 7.59 24.79
CA SER A 269 9.60 6.25 24.66
C SER A 269 8.64 5.35 23.88
N ALA A 270 7.37 5.75 23.83
CA ALA A 270 6.33 4.97 23.17
C ALA A 270 6.40 5.11 21.65
N MET A 271 5.95 4.07 20.96
CA MET A 271 5.94 4.05 19.50
C MET A 271 5.11 5.18 18.90
N PRO A 272 5.75 6.04 18.10
CA PRO A 272 5.04 7.12 17.40
C PRO A 272 4.51 6.61 16.08
N GLU A 273 3.87 7.48 15.32
CA GLU A 273 3.53 7.14 13.94
C GLU A 273 4.69 7.53 13.03
N PHE A 274 4.93 6.69 12.03
CA PHE A 274 6.01 6.93 11.09
C PHE A 274 5.42 7.26 9.74
N GLN A 275 5.37 8.56 9.43
CA GLN A 275 4.77 9.01 8.19
C GLN A 275 5.80 9.15 7.09
N LEU A 276 5.49 8.55 5.93
CA LEU A 276 6.35 8.64 4.77
C LEU A 276 5.78 9.66 3.79
N GLY A 277 6.60 10.61 3.38
CA GLY A 277 6.16 11.63 2.45
C GLY A 277 6.89 11.57 1.13
N VAL A 278 6.23 12.03 0.07
CA VAL A 278 6.82 12.03 -1.27
C VAL A 278 7.07 13.46 -1.75
N TRP A 279 8.20 13.65 -2.42
CA TRP A 279 8.56 14.94 -2.99
C TRP A 279 7.69 15.28 -4.20
N GLU A 280 6.94 16.37 -4.13
CA GLU A 280 6.09 16.79 -5.23
C GLU A 280 6.78 17.83 -6.11
N GLY A 281 7.95 18.29 -5.66
CA GLY A 281 8.70 19.29 -6.40
C GLY A 281 8.99 20.52 -5.55
N ARG A 282 10.10 21.20 -5.85
CA ARG A 282 10.53 22.37 -5.10
C ARG A 282 10.70 22.06 -3.61
N ASN A 283 9.68 22.41 -2.83
CA ASN A 283 9.68 22.15 -1.40
C ASN A 283 8.35 21.56 -0.95
N MET A 284 7.56 21.11 -1.93
CA MET A 284 6.27 20.51 -1.63
C MET A 284 6.37 19.01 -1.39
N TYR A 285 5.92 18.59 -0.22
CA TYR A 285 5.85 17.17 0.12
C TYR A 285 4.41 16.84 0.49
N SER A 286 3.99 15.61 0.21
CA SER A 286 2.65 15.18 0.59
C SER A 286 2.66 13.77 1.18
N PHE A 287 1.70 13.48 2.04
CA PHE A 287 1.60 12.17 2.68
C PHE A 287 1.40 11.07 1.66
N PHE A 288 2.08 9.94 1.86
CA PHE A 288 1.98 8.82 0.94
C PHE A 288 1.61 7.53 1.65
N ALA A 289 2.25 7.27 2.79
CA ALA A 289 2.03 6.01 3.51
C ALA A 289 2.58 6.08 4.93
N PHE A 290 2.27 5.05 5.70
CA PHE A 290 2.89 4.87 7.00
C PHE A 290 3.99 3.83 6.89
N MET A 291 5.08 4.03 7.62
CA MET A 291 6.17 3.05 7.66
C MET A 291 5.88 2.07 8.80
N TYR A 292 5.97 0.78 8.51
CA TYR A 292 5.71 -0.23 9.54
C TYR A 292 6.96 -0.52 10.37
N VAL A 293 6.88 -0.22 11.66
CA VAL A 293 7.96 -0.46 12.60
C VAL A 293 7.46 -1.31 13.76
N ASP A 294 8.08 -2.47 13.98
CA ASP A 294 7.66 -3.29 15.14
C ASP A 294 8.37 -2.85 16.41
N GLU A 295 7.97 -3.42 17.55
CA GLU A 295 8.46 -3.00 18.85
C GLU A 295 9.98 -3.06 19.01
N LYS A 296 10.58 -4.17 18.61
CA LYS A 296 12.03 -4.31 18.72
C LYS A 296 12.76 -3.40 17.73
N GLU A 297 12.11 -3.11 16.60
CA GLU A 297 12.68 -2.23 15.60
C GLU A 297 12.72 -0.80 16.12
N TRP A 298 11.68 -0.42 16.85
CA TRP A 298 11.60 0.92 17.45
C TRP A 298 12.69 1.12 18.49
N GLU A 299 13.04 0.07 19.22
CA GLU A 299 14.12 0.14 20.19
C GLU A 299 15.47 0.33 19.50
N LYS A 300 15.65 -0.32 18.35
CA LYS A 300 16.90 -0.18 17.59
C LYS A 300 17.08 1.23 17.04
N LEU A 301 15.99 1.80 16.51
CA LEU A 301 16.02 3.17 15.99
C LEU A 301 16.35 4.18 17.09
N LYS A 302 15.77 3.97 18.27
CA LYS A 302 16.11 4.81 19.42
C LYS A 302 17.56 4.60 19.82
N SER A 303 18.04 3.36 19.69
CA SER A 303 19.42 3.02 20.07
C SER A 303 20.45 3.73 19.19
N PHE A 304 20.04 4.11 17.98
CA PHE A 304 20.91 4.86 17.07
C PHE A 304 21.29 6.20 17.67
N ASN A 305 20.38 6.77 18.45
CA ASN A 305 20.56 8.10 19.04
C ASN A 305 20.88 9.17 17.98
N VAL A 306 20.15 9.14 16.88
CA VAL A 306 20.26 10.15 15.84
C VAL A 306 18.87 10.70 15.56
N PRO A 307 18.79 11.92 15.00
CA PRO A 307 17.46 12.46 14.68
C PRO A 307 16.74 11.55 13.69
N LEU A 308 15.47 11.25 13.96
CA LEU A 308 14.72 10.34 13.10
C LEU A 308 13.75 11.08 12.19
N SER A 309 13.29 12.24 12.63
CA SER A 309 12.26 12.98 11.90
C SER A 309 12.85 13.99 10.93
N GLU A 310 12.10 14.26 9.86
CA GLU A 310 12.53 15.13 8.77
C GLU A 310 13.81 14.64 8.10
N ARG A 311 13.86 13.35 7.80
CA ARG A 311 15.01 12.78 7.10
C ARG A 311 14.61 11.91 5.92
N ILE A 312 15.46 11.91 4.90
CA ILE A 312 15.27 11.04 3.75
C ILE A 312 15.66 9.63 4.16
N VAL A 313 14.76 8.68 3.96
CA VAL A 313 15.05 7.28 4.25
C VAL A 313 14.78 6.44 3.01
N GLU A 314 15.52 5.35 2.88
CA GLU A 314 15.29 4.40 1.80
C GLU A 314 14.44 3.28 2.38
N CYS A 315 13.31 2.99 1.72
CA CYS A 315 12.37 1.99 2.22
C CYS A 315 12.06 0.92 1.18
N TYR A 316 11.63 -0.24 1.65
CA TYR A 316 11.24 -1.33 0.76
C TYR A 316 9.95 -1.98 1.25
N LEU A 317 9.27 -2.67 0.34
CA LEU A 317 8.05 -3.41 0.68
C LEU A 317 8.38 -4.83 1.11
N ASP A 318 7.83 -5.27 2.24
CA ASP A 318 8.02 -6.64 2.70
C ASP A 318 7.02 -7.61 2.05
N ASP A 319 6.98 -8.85 2.55
CA ASP A 319 6.07 -9.86 2.02
C ASP A 319 4.60 -9.48 2.17
N GLU A 320 4.29 -8.68 3.19
CA GLU A 320 2.93 -8.25 3.44
C GLU A 320 2.65 -6.88 2.83
N ASN A 321 3.54 -6.44 1.95
CA ASN A 321 3.44 -5.14 1.31
C ASN A 321 3.34 -3.99 2.31
N ARG A 322 4.22 -4.01 3.30
CA ARG A 322 4.35 -2.90 4.23
C ARG A 322 5.71 -2.24 4.03
N TRP A 323 5.74 -0.92 4.07
CA TRP A 323 6.99 -0.20 3.89
C TRP A 323 7.90 -0.35 5.09
N ARG A 324 9.15 -0.70 4.85
CA ARG A 324 10.10 -0.93 5.93
C ARG A 324 11.36 -0.09 5.77
N PHE A 325 11.90 0.38 6.90
CA PHE A 325 13.13 1.14 6.90
C PHE A 325 14.31 0.28 6.47
N LEU A 326 15.18 0.84 5.62
CA LEU A 326 16.40 0.15 5.22
C LEU A 326 17.63 0.92 5.65
N ARG A 327 17.68 2.20 5.30
CA ARG A 327 18.81 3.05 5.64
C ARG A 327 18.44 4.52 5.46
N PHE A 328 19.20 5.40 6.11
CA PHE A 328 19.07 6.82 5.86
C PHE A 328 19.80 7.17 4.57
N ARG A 329 19.32 8.20 3.89
CA ARG A 329 19.99 8.69 2.70
C ARG A 329 20.36 10.16 2.90
N ASP A 330 21.59 10.38 3.38
CA ASP A 330 22.06 11.74 3.63
C ASP A 330 22.67 12.33 2.36
N ASP A 331 22.75 11.50 1.32
CA ASP A 331 23.30 11.91 0.05
C ASP A 331 22.23 12.50 -0.87
N LYS A 332 21.03 12.72 -0.35
CA LYS A 332 19.93 13.20 -1.19
C LYS A 332 19.35 14.56 -0.79
N ARG A 333 19.22 15.42 -1.79
CA ARG A 333 18.65 16.76 -1.60
C ARG A 333 17.18 16.66 -1.23
N ASP A 334 16.46 15.76 -1.91
CA ASP A 334 15.05 15.54 -1.62
C ASP A 334 14.72 14.05 -1.70
N ALA A 335 13.50 13.70 -1.33
CA ALA A 335 13.02 12.33 -1.52
C ALA A 335 12.78 12.09 -3.00
N ASN A 336 12.46 10.85 -3.37
CA ASN A 336 12.12 10.57 -4.77
C ASN A 336 10.93 11.41 -5.22
N HIS A 337 11.00 11.93 -6.44
CA HIS A 337 9.88 12.68 -7.00
C HIS A 337 8.71 11.73 -7.23
N ILE A 338 7.49 12.26 -7.15
CA ILE A 338 6.28 11.45 -7.29
C ILE A 338 6.27 10.63 -8.59
N SER A 339 6.86 11.19 -9.64
CA SER A 339 6.95 10.49 -10.92
C SER A 339 7.84 9.25 -10.82
N THR A 340 8.94 9.37 -10.07
CA THR A 340 9.85 8.25 -9.84
C THR A 340 9.19 7.19 -8.96
N VAL A 341 8.44 7.64 -7.96
CA VAL A 341 7.73 6.74 -7.06
C VAL A 341 6.75 5.86 -7.83
N LYS A 342 5.93 6.52 -8.66
CA LYS A 342 4.94 5.84 -9.49
C LYS A 342 5.59 4.81 -10.42
N SER A 343 6.73 5.17 -10.99
CA SER A 343 7.45 4.28 -11.90
C SER A 343 7.96 3.03 -11.20
N VAL A 344 8.54 3.21 -10.00
CA VAL A 344 9.06 2.08 -9.24
C VAL A 344 7.91 1.17 -8.78
N LEU A 345 6.84 1.77 -8.30
CA LEU A 345 5.65 1.02 -7.89
C LEU A 345 5.05 0.23 -9.06
N GLN A 346 5.15 0.78 -10.27
CA GLN A 346 4.62 0.10 -11.44
C GLN A 346 5.44 -1.15 -11.77
N SER A 347 6.76 -1.06 -11.60
CA SER A 347 7.64 -2.22 -11.79
C SER A 347 7.28 -3.34 -10.83
N ILE A 348 6.84 -2.97 -9.63
CA ILE A 348 6.44 -3.92 -8.60
C ILE A 348 5.06 -4.51 -8.90
N GLU A 349 4.12 -3.64 -9.26
CA GLU A 349 2.75 -4.05 -9.57
C GLU A 349 2.70 -5.03 -10.74
N ASP A 350 3.48 -4.75 -11.79
CA ASP A 350 3.53 -5.62 -12.97
C ASP A 350 4.52 -6.75 -12.76
N GLY A 351 5.20 -6.74 -11.62
CA GLY A 351 6.31 -7.64 -11.38
C GLY A 351 5.97 -9.11 -11.30
N VAL A 352 6.99 -9.93 -11.43
CA VAL A 352 6.85 -11.37 -11.26
C VAL A 352 7.64 -11.79 -10.03
N SER A 353 6.97 -12.45 -9.09
CA SER A 353 7.64 -12.93 -7.88
C SER A 353 8.71 -13.94 -8.25
N LYS A 354 9.69 -14.10 -7.37
CA LYS A 354 10.77 -15.06 -7.57
C LYS A 354 10.20 -16.47 -7.75
N GLU A 355 9.25 -16.82 -6.88
CA GLU A 355 8.57 -18.12 -6.96
C GLU A 355 7.95 -18.38 -8.33
N ASP A 356 7.16 -17.43 -8.81
CA ASP A 356 6.48 -17.57 -10.10
C ASP A 356 7.48 -17.61 -11.26
N LEU A 357 8.63 -16.96 -11.08
CA LEU A 357 9.68 -16.97 -12.10
C LEU A 357 10.29 -18.37 -12.19
N LEU A 358 10.50 -18.99 -11.03
CA LEU A 358 11.10 -20.33 -10.96
C LEU A 358 10.17 -21.43 -11.48
N LYS A 359 8.90 -21.37 -11.09
CA LYS A 359 7.91 -22.36 -11.52
C LYS A 359 7.73 -22.39 -13.04
N GLU A 360 8.13 -21.31 -13.70
CA GLU A 360 7.97 -21.19 -15.15
C GLU A 360 9.15 -21.80 -15.91
N MET A 361 10.26 -22.00 -15.21
CA MET A 361 11.49 -22.53 -15.81
C MET A 361 11.37 -23.82 -16.65
N PRO A 362 10.64 -24.84 -16.14
CA PRO A 362 10.49 -26.06 -16.94
C PRO A 362 9.91 -25.79 -18.34
N ILE A 363 8.80 -25.05 -18.41
CA ILE A 363 8.18 -24.69 -19.67
C ILE A 363 9.17 -23.98 -20.60
N ILE A 364 9.94 -23.06 -20.03
CA ILE A 364 10.94 -22.30 -20.78
C ILE A 364 12.01 -23.20 -21.39
N ARG A 365 12.61 -24.03 -20.55
CA ARG A 365 13.65 -24.96 -20.99
C ARG A 365 13.13 -25.94 -22.05
N GLU A 366 11.95 -26.49 -21.80
CA GLU A 366 11.33 -27.47 -22.70
C GLU A 366 11.18 -26.90 -24.12
N ALA A 367 10.73 -25.65 -24.20
CA ALA A 367 10.55 -24.99 -25.48
C ALA A 367 11.90 -24.66 -26.13
N TYR A 368 12.91 -24.44 -25.29
CA TYR A 368 14.27 -24.16 -25.78
C TYR A 368 14.80 -25.33 -26.59
N TYR A 369 14.62 -26.55 -26.07
CA TYR A 369 15.11 -27.74 -26.76
C TYR A 369 14.27 -28.12 -27.98
N ASN A 370 12.98 -27.78 -27.94
CA ASN A 370 12.12 -28.02 -29.10
C ASN A 370 12.38 -27.04 -30.24
N ARG A 371 13.11 -25.97 -29.94
CA ARG A 371 13.57 -25.04 -30.98
C ARG A 371 14.89 -25.53 -31.55
N LYS A 372 15.62 -26.31 -30.75
CA LYS A 372 16.95 -26.78 -31.11
C LYS A 372 16.91 -27.98 -32.07
N LYS A 373 16.11 -27.87 -33.12
CA LYS A 373 15.91 -28.98 -34.05
C LYS A 373 16.44 -28.68 -35.46
N SER B 1 -22.11 -8.42 -15.44
CA SER B 1 -23.21 -8.02 -14.58
C SER B 1 -23.25 -6.51 -14.42
N MET B 2 -24.26 -6.00 -13.71
CA MET B 2 -24.42 -4.55 -13.55
C MET B 2 -23.38 -3.95 -12.60
N ALA B 3 -22.88 -2.77 -12.96
CA ALA B 3 -21.87 -2.08 -12.17
C ALA B 3 -22.38 -1.71 -10.78
N PRO B 4 -21.67 -2.20 -9.75
CA PRO B 4 -22.01 -1.87 -8.36
C PRO B 4 -21.74 -0.42 -8.04
N SER B 5 -22.67 0.22 -7.34
CA SER B 5 -22.53 1.62 -6.92
C SER B 5 -23.13 1.79 -5.53
N GLU B 6 -23.21 3.02 -5.07
CA GLU B 6 -23.79 3.30 -3.75
C GLU B 6 -25.28 2.97 -3.70
N LYS B 7 -25.90 2.78 -4.86
CA LYS B 7 -27.33 2.50 -4.94
C LYS B 7 -27.68 1.06 -4.55
N ASP B 8 -26.65 0.22 -4.39
CA ASP B 8 -26.86 -1.16 -3.95
C ASP B 8 -26.92 -1.23 -2.44
N ILE B 9 -26.75 -0.08 -1.79
CA ILE B 9 -26.81 0.00 -0.34
C ILE B 9 -28.24 0.26 0.13
N GLU B 10 -28.81 -0.70 0.86
CA GLU B 10 -30.11 -0.52 1.47
C GLU B 10 -30.04 0.60 2.49
N GLU B 11 -30.44 1.80 2.08
CA GLU B 11 -30.44 2.94 2.98
C GLU B 11 -31.67 2.95 3.89
N VAL B 12 -31.45 3.26 5.15
CA VAL B 12 -32.52 3.36 6.13
C VAL B 12 -32.97 4.82 6.24
N SER B 13 -34.27 5.03 6.32
CA SER B 13 -34.82 6.34 6.60
C SER B 13 -35.63 6.28 7.89
N VAL B 14 -35.57 7.35 8.69
CA VAL B 14 -36.33 7.40 9.93
C VAL B 14 -37.82 7.45 9.62
N PRO B 15 -38.60 6.52 10.19
CA PRO B 15 -40.05 6.44 9.95
C PRO B 15 -40.83 7.47 10.76
N GLY B 16 -40.98 8.66 10.21
CA GLY B 16 -41.71 9.73 10.88
C GLY B 16 -41.50 11.05 10.20
N VAL B 17 -42.23 12.07 10.65
CA VAL B 17 -42.12 13.40 10.07
C VAL B 17 -41.35 14.34 11.01
N LEU B 18 -40.58 15.26 10.42
CA LEU B 18 -39.80 16.20 11.21
C LEU B 18 -40.70 17.06 12.10
N ALA B 19 -40.40 17.10 13.39
CA ALA B 19 -41.16 17.90 14.33
C ALA B 19 -40.97 19.38 14.04
N PRO B 20 -42.05 20.17 14.21
CA PRO B 20 -42.01 21.62 14.04
C PRO B 20 -40.94 22.24 14.94
N ARG B 21 -40.35 23.37 14.52
CA ARG B 21 -39.26 23.98 15.28
C ARG B 21 -39.69 24.36 16.69
N ASP B 22 -40.90 24.89 16.83
CA ASP B 22 -41.44 25.25 18.14
C ASP B 22 -41.61 24.01 19.03
N ASP B 23 -41.98 22.88 18.42
CA ASP B 23 -42.11 21.62 19.14
C ASP B 23 -40.75 21.13 19.62
N VAL B 24 -39.78 21.10 18.72
CA VAL B 24 -38.44 20.61 19.01
C VAL B 24 -37.79 21.32 20.19
N ARG B 25 -37.93 22.65 20.23
CA ARG B 25 -37.33 23.46 21.29
C ARG B 25 -37.90 23.15 22.67
N VAL B 26 -39.17 22.77 22.71
CA VAL B 26 -39.77 22.28 23.95
C VAL B 26 -39.13 20.95 24.34
N LEU B 27 -38.99 20.07 23.36
CA LEU B 27 -38.42 18.74 23.56
C LEU B 27 -36.96 18.80 24.04
N LYS B 28 -36.16 19.60 23.34
CA LYS B 28 -34.76 19.81 23.73
C LYS B 28 -34.66 20.33 25.16
N THR B 29 -35.56 21.24 25.51
CA THR B 29 -35.59 21.84 26.84
C THR B 29 -35.93 20.79 27.90
N ARG B 30 -36.90 19.93 27.59
CA ARG B 30 -37.32 18.87 28.50
C ARG B 30 -36.20 17.86 28.74
N ILE B 31 -35.55 17.45 27.65
CA ILE B 31 -34.46 16.47 27.73
C ILE B 31 -33.27 17.03 28.51
N ALA B 32 -32.92 18.27 28.23
CA ALA B 32 -31.83 18.94 28.95
C ALA B 32 -32.13 19.02 30.44
N LYS B 33 -33.37 19.33 30.78
CA LYS B 33 -33.79 19.40 32.17
C LYS B 33 -33.77 18.02 32.83
N LEU B 34 -34.29 17.03 32.12
CA LEU B 34 -34.32 15.66 32.61
C LEU B 34 -32.91 15.12 32.82
N LEU B 35 -32.05 15.27 31.82
CA LEU B 35 -30.71 14.70 31.87
C LEU B 35 -29.70 15.58 32.61
N GLY B 36 -29.93 16.88 32.61
CA GLY B 36 -28.96 17.80 33.18
C GLY B 36 -27.86 18.10 32.18
N THR B 37 -28.12 17.78 30.93
CA THR B 37 -27.19 18.10 29.85
C THR B 37 -27.45 19.50 29.33
N SER B 38 -26.75 19.87 28.26
CA SER B 38 -26.98 21.15 27.62
C SER B 38 -27.95 20.97 26.47
N PRO B 39 -28.96 21.84 26.36
CA PRO B 39 -29.90 21.77 25.24
C PRO B 39 -29.17 22.04 23.93
N ASP B 40 -29.73 21.58 22.81
CA ASP B 40 -29.10 21.69 21.49
C ASP B 40 -27.87 20.79 21.30
N THR B 41 -27.44 20.14 22.37
CA THR B 41 -26.31 19.21 22.31
C THR B 41 -26.81 17.75 22.37
N PHE B 42 -26.25 16.90 21.52
CA PHE B 42 -26.62 15.48 21.50
C PHE B 42 -26.06 14.77 22.74
N PRO B 43 -26.95 14.20 23.55
CA PRO B 43 -26.58 13.55 24.82
C PRO B 43 -26.09 12.13 24.63
N GLY B 44 -26.13 11.62 23.40
CA GLY B 44 -25.68 10.26 23.16
C GLY B 44 -24.17 10.10 23.22
N SER B 45 -23.74 8.89 23.57
CA SER B 45 -22.31 8.58 23.57
C SER B 45 -21.80 8.34 22.16
N GLN B 46 -20.50 8.54 21.95
CA GLN B 46 -19.87 8.20 20.69
C GLN B 46 -18.61 7.38 20.98
N PRO B 47 -18.39 6.30 20.20
CA PRO B 47 -17.27 5.39 20.45
C PRO B 47 -15.95 5.88 19.85
N VAL B 48 -14.84 5.30 20.32
CA VAL B 48 -13.53 5.58 19.74
C VAL B 48 -13.06 4.39 18.92
N SER B 49 -12.18 4.63 17.97
CA SER B 49 -11.65 3.54 17.14
C SER B 49 -10.74 2.62 17.94
N PHE B 50 -10.93 1.31 17.76
CA PHE B 50 -10.12 0.31 18.47
C PHE B 50 -8.66 0.40 18.05
N SER B 51 -7.79 0.69 19.01
CA SER B 51 -6.35 0.71 18.77
C SER B 51 -5.65 -0.36 19.61
N LYS B 52 -4.34 -0.48 19.44
CA LYS B 52 -3.56 -1.51 20.12
C LYS B 52 -3.61 -1.41 21.65
N LYS B 53 -3.73 -0.18 22.16
CA LYS B 53 -3.78 0.05 23.60
C LYS B 53 -5.03 -0.54 24.24
N HIS B 54 -6.06 -0.80 23.42
CA HIS B 54 -7.36 -1.24 23.94
C HIS B 54 -7.39 -2.73 24.26
N LEU B 55 -6.38 -3.47 23.79
CA LEU B 55 -6.23 -4.87 24.17
C LEU B 55 -5.98 -4.95 25.67
N GLN B 56 -5.21 -4.00 26.19
CA GLN B 56 -4.95 -3.91 27.62
C GLN B 56 -6.22 -3.52 28.36
N ALA B 57 -6.98 -2.60 27.77
CA ALA B 57 -8.24 -2.15 28.36
C ALA B 57 -9.23 -3.30 28.53
N LEU B 58 -9.22 -4.23 27.57
CA LEU B 58 -10.10 -5.39 27.62
C LEU B 58 -9.70 -6.37 28.72
N LYS B 59 -8.47 -6.24 29.21
CA LYS B 59 -7.96 -7.14 30.25
C LYS B 59 -8.15 -6.55 31.64
N GLU B 60 -8.47 -5.27 31.71
CA GLU B 60 -8.59 -4.58 32.99
C GLU B 60 -10.03 -4.42 33.45
N LYS B 61 -10.97 -4.39 32.51
CA LYS B 61 -12.38 -4.21 32.85
C LYS B 61 -13.29 -5.19 32.12
N ASN B 62 -14.42 -5.50 32.76
CA ASN B 62 -15.42 -6.35 32.13
C ASN B 62 -16.05 -5.63 30.94
N TYR B 63 -16.26 -6.37 29.86
CA TYR B 63 -16.80 -5.78 28.64
C TYR B 63 -17.88 -6.66 28.04
N PHE B 64 -18.83 -6.03 27.36
CA PHE B 64 -19.72 -6.74 26.46
C PHE B 64 -19.24 -6.47 25.04
N VAL B 65 -19.66 -7.31 24.11
CA VAL B 65 -19.32 -7.09 22.70
C VAL B 65 -20.48 -7.57 21.84
N CYS B 66 -20.76 -6.83 20.77
CA CYS B 66 -21.82 -7.20 19.86
C CYS B 66 -21.47 -6.75 18.45
N GLU B 67 -22.21 -7.24 17.46
CA GLU B 67 -22.01 -6.81 16.09
C GLU B 67 -22.42 -5.35 15.96
P GPL B 68 -20.92 2.67 12.00
O1P GPL B 68 -19.40 2.81 11.61
O2P GPL B 68 -21.75 2.54 10.76
O5' GPL B 68 -21.38 3.88 12.83
C5' GPL B 68 -22.67 3.88 13.38
C4' GPL B 68 -22.86 4.28 14.82
O4' GPL B 68 -23.96 3.57 15.41
C3' GPL B 68 -21.72 3.87 15.63
O3' GPL B 68 -20.70 4.86 15.58
C2' GPL B 68 -22.24 3.74 16.92
O2' GPL B 68 -22.17 5.03 17.59
C1' GPL B 68 -23.58 3.35 16.79
N9 GPL B 68 -23.76 1.98 17.14
C8 GPL B 68 -24.01 0.96 16.28
N7 GPL B 68 -24.13 -0.19 16.98
C5 GPL B 68 -23.96 0.09 18.35
C6 GPL B 68 -23.98 -0.69 19.55
O6 GPL B 68 -24.20 -2.04 19.49
N1 GPL B 68 -23.77 -0.08 20.80
C2 GPL B 68 -23.55 1.22 20.86
N2 GPL B 68 -23.34 1.85 22.17
N3 GPL B 68 -23.53 2.01 19.75
C4 GPL B 68 -23.74 1.45 18.45
N GPL B 68 -21.67 -4.60 15.18
CA GPL B 68 -21.95 -3.24 15.00
CB GPL B 68 -20.63 -2.48 14.83
CG GPL B 68 -20.80 -0.96 14.60
CD GPL B 68 -19.59 -0.11 14.41
CE GPL B 68 -19.95 1.27 13.88
NZ GPL B 68 -21.08 1.30 12.94
C GPL B 68 -22.81 -3.07 13.79
O GPL B 68 -22.36 -3.33 12.67
N SER B 69 -24.04 -2.64 13.99
CA SER B 69 -25.06 -2.67 12.94
C SER B 69 -24.98 -1.51 11.94
N ASP B 70 -25.24 -1.83 10.67
CA ASP B 70 -25.47 -0.80 9.66
C ASP B 70 -26.85 -0.20 9.89
N GLY B 71 -26.95 1.13 9.87
CA GLY B 71 -28.23 1.78 10.05
C GLY B 71 -28.08 3.19 10.55
N ILE B 72 -29.11 3.69 11.23
CA ILE B 72 -29.07 5.03 11.80
C ILE B 72 -29.18 4.97 13.32
N ARG B 73 -28.17 5.50 14.01
CA ARG B 73 -28.21 5.59 15.46
C ARG B 73 -29.21 6.67 15.86
N CYS B 74 -30.18 6.29 16.67
CA CYS B 74 -31.20 7.24 17.13
C CYS B 74 -31.46 7.07 18.62
N LEU B 75 -31.74 8.17 19.31
CA LEU B 75 -32.29 8.10 20.65
C LEU B 75 -33.81 8.11 20.52
N LEU B 76 -34.50 7.33 21.37
CA LEU B 76 -35.95 7.31 21.35
C LEU B 76 -36.49 7.96 22.61
N TYR B 77 -37.36 8.96 22.43
CA TYR B 77 -37.86 9.74 23.55
C TYR B 77 -39.38 9.57 23.70
N MET B 78 -39.79 8.98 24.82
CA MET B 78 -41.20 8.85 25.13
C MET B 78 -41.63 10.01 26.03
N THR B 79 -42.60 10.78 25.57
CA THR B 79 -43.03 11.97 26.29
C THR B 79 -44.48 12.31 25.96
N GLU B 80 -44.94 13.47 26.41
CA GLU B 80 -46.26 13.96 26.03
C GLU B 80 -46.14 14.94 24.89
N HIS B 81 -47.16 15.00 24.04
CA HIS B 81 -47.15 15.91 22.91
C HIS B 81 -47.11 17.35 23.40
N PRO B 82 -46.07 18.10 22.96
CA PRO B 82 -45.83 19.48 23.37
C PRO B 82 -47.04 20.40 23.17
N ARG B 83 -47.92 20.05 22.23
CA ARG B 83 -49.10 20.86 21.95
C ARG B 83 -50.39 20.22 22.45
N TYR B 84 -50.48 18.90 22.34
CA TYR B 84 -51.68 18.17 22.74
C TYR B 84 -51.46 17.46 24.08
N GLU B 85 -51.86 18.11 25.16
CA GLU B 85 -51.65 17.59 26.51
C GLU B 85 -52.38 16.26 26.72
N ASN B 86 -51.80 15.40 27.55
CA ASN B 86 -52.34 14.06 27.84
C ASN B 86 -52.28 13.08 26.68
N ARG B 87 -51.56 13.45 25.62
CA ARG B 87 -51.40 12.57 24.47
C ARG B 87 -49.97 12.04 24.40
N PRO B 88 -49.83 10.71 24.33
CA PRO B 88 -48.51 10.07 24.22
C PRO B 88 -47.84 10.49 22.92
N SER B 89 -46.54 10.73 22.96
CA SER B 89 -45.80 11.08 21.75
C SER B 89 -44.37 10.55 21.80
N VAL B 90 -43.97 9.87 20.74
CA VAL B 90 -42.65 9.24 20.66
C VAL B 90 -41.83 9.90 19.55
N TYR B 91 -40.59 10.27 19.88
CA TYR B 91 -39.70 10.89 18.92
C TYR B 91 -38.38 10.13 18.77
N LEU B 92 -37.86 10.10 17.55
CA LEU B 92 -36.52 9.60 17.29
C LEU B 92 -35.66 10.79 16.90
N PHE B 93 -34.44 10.88 17.44
CA PHE B 93 -33.53 11.93 17.02
C PHE B 93 -32.08 11.48 16.94
N ASP B 94 -31.39 11.95 15.91
CA ASP B 94 -30.01 11.57 15.62
C ASP B 94 -28.99 12.48 16.30
N ARG B 95 -27.72 12.29 15.97
CA ARG B 95 -26.63 13.10 16.50
C ARG B 95 -26.66 14.53 15.96
N LYS B 96 -27.42 14.74 14.90
CA LYS B 96 -27.55 16.07 14.31
C LYS B 96 -28.70 16.81 14.98
N MET B 97 -29.40 16.10 15.86
CA MET B 97 -30.56 16.64 16.59
C MET B 97 -31.75 16.96 15.68
N ASN B 98 -31.99 16.08 14.72
CA ASN B 98 -33.22 16.13 13.93
C ASN B 98 -34.28 15.25 14.57
N PHE B 99 -35.37 15.86 15.03
CA PHE B 99 -36.42 15.12 15.72
C PHE B 99 -37.51 14.63 14.78
N TYR B 100 -37.82 13.34 14.88
CA TYR B 100 -38.86 12.74 14.05
C TYR B 100 -40.00 12.24 14.93
N HIS B 101 -41.20 12.76 14.68
CA HIS B 101 -42.37 12.29 15.40
C HIS B 101 -42.80 10.94 14.84
N VAL B 102 -42.88 9.94 15.70
CA VAL B 102 -43.21 8.57 15.27
C VAL B 102 -44.69 8.25 15.49
N GLU B 103 -45.38 7.89 14.41
CA GLU B 103 -46.81 7.60 14.49
C GLU B 103 -47.09 6.11 14.60
N LYS B 104 -48.13 5.77 15.36
CA LYS B 104 -48.61 4.39 15.48
C LYS B 104 -47.63 3.42 16.14
N ILE B 105 -46.66 3.97 16.87
CA ILE B 105 -45.79 3.15 17.70
C ILE B 105 -46.42 3.02 19.09
N PHE B 106 -46.12 1.93 19.79
CA PHE B 106 -46.82 1.65 21.04
C PHE B 106 -45.92 0.95 22.07
N TYR B 107 -45.76 1.58 23.23
CA TYR B 107 -44.98 1.00 24.32
C TYR B 107 -45.83 0.89 25.58
N PRO B 108 -46.37 -0.31 25.83
CA PRO B 108 -47.30 -0.52 26.94
C PRO B 108 -46.59 -0.56 28.30
N VAL B 109 -47.38 -0.41 29.36
CA VAL B 109 -46.86 -0.41 30.72
C VAL B 109 -47.11 -1.77 31.37
N GLU B 110 -46.17 -2.22 32.18
CA GLU B 110 -46.27 -3.50 32.87
C GLU B 110 -47.59 -3.65 33.62
N ASN B 111 -48.24 -4.81 33.45
CA ASN B 111 -49.49 -5.13 34.14
C ASN B 111 -50.70 -4.28 33.76
N ASP B 112 -50.60 -3.53 32.66
CA ASP B 112 -51.75 -2.79 32.16
C ASP B 112 -52.46 -3.56 31.05
N LYS B 113 -53.70 -3.98 31.32
CA LYS B 113 -54.49 -4.71 30.33
C LYS B 113 -55.18 -3.76 29.36
N SER B 114 -55.41 -2.53 29.80
CA SER B 114 -56.13 -1.55 29.00
C SER B 114 -55.39 -1.17 27.72
N GLY B 115 -54.09 -0.94 27.86
CA GLY B 115 -53.29 -0.42 26.75
C GLY B 115 -53.46 1.09 26.67
N LYS B 116 -53.87 1.69 27.78
CA LYS B 116 -54.13 3.13 27.82
C LYS B 116 -53.06 3.89 28.60
N LYS B 117 -52.40 3.22 29.54
CA LYS B 117 -51.27 3.83 30.25
C LYS B 117 -50.07 3.93 29.32
N TYR B 118 -49.25 4.96 29.51
CA TYR B 118 -48.10 5.18 28.65
C TYR B 118 -46.88 5.68 29.42
N HIS B 119 -45.72 5.61 28.79
CA HIS B 119 -44.48 6.03 29.42
C HIS B 119 -44.16 7.49 29.09
N VAL B 120 -43.58 8.19 30.06
CA VAL B 120 -43.09 9.54 29.85
C VAL B 120 -41.69 9.66 30.45
N ASP B 121 -40.96 10.69 30.06
CA ASP B 121 -39.59 10.90 30.54
C ASP B 121 -38.73 9.64 30.38
N THR B 122 -38.87 9.00 29.23
CA THR B 122 -38.12 7.78 28.94
C THR B 122 -37.25 7.99 27.70
N LEU B 123 -35.98 7.62 27.79
CA LEU B 123 -35.01 7.88 26.74
C LEU B 123 -34.11 6.68 26.49
N LEU B 124 -34.24 6.09 25.31
CA LEU B 124 -33.46 4.90 24.96
C LEU B 124 -32.37 5.26 23.96
N ASP B 125 -31.32 4.44 23.94
CA ASP B 125 -30.28 4.57 22.93
C ASP B 125 -30.31 3.30 22.09
N GLY B 126 -30.22 3.44 20.78
CA GLY B 126 -30.29 2.28 19.91
C GLY B 126 -30.03 2.58 18.45
N GLU B 127 -30.12 1.55 17.62
CA GLU B 127 -29.94 1.74 16.19
C GLU B 127 -31.12 1.25 15.37
N LEU B 128 -31.50 2.07 14.40
CA LEU B 128 -32.55 1.75 13.45
C LEU B 128 -31.92 0.95 12.31
N VAL B 129 -32.28 -0.33 12.19
CA VAL B 129 -31.74 -1.15 11.12
C VAL B 129 -32.83 -1.77 10.25
N LEU B 130 -32.46 -2.19 9.05
CA LEU B 130 -33.41 -2.76 8.10
C LEU B 130 -33.04 -4.19 7.76
N ASP B 131 -33.86 -5.14 8.22
CA ASP B 131 -33.62 -6.55 7.89
C ASP B 131 -34.21 -6.91 6.54
N ILE B 132 -33.48 -7.71 5.77
CA ILE B 132 -33.93 -8.16 4.45
C ILE B 132 -34.19 -9.66 4.48
N TYR B 133 -35.43 -10.05 4.25
CA TYR B 133 -35.80 -11.45 4.15
C TYR B 133 -35.92 -11.83 2.66
N PRO B 134 -35.79 -13.12 2.35
CA PRO B 134 -35.97 -13.58 0.96
C PRO B 134 -37.35 -13.21 0.43
N GLY B 135 -37.43 -12.83 -0.84
CA GLY B 135 -38.69 -12.45 -1.44
C GLY B 135 -38.94 -10.95 -1.44
N GLY B 136 -38.04 -10.20 -0.81
CA GLY B 136 -38.17 -8.75 -0.76
C GLY B 136 -38.88 -8.27 0.49
N LYS B 137 -39.16 -9.18 1.41
CA LYS B 137 -39.79 -8.81 2.68
C LYS B 137 -38.82 -8.09 3.59
N LYS B 138 -39.11 -6.82 3.87
CA LYS B 138 -38.24 -6.00 4.71
C LYS B 138 -38.87 -5.73 6.05
N GLN B 139 -38.05 -5.65 7.10
CA GLN B 139 -38.54 -5.35 8.44
C GLN B 139 -37.65 -4.35 9.15
N LEU B 140 -38.20 -3.17 9.42
CA LEU B 140 -37.48 -2.13 10.14
C LEU B 140 -37.38 -2.50 11.61
N ARG B 141 -36.18 -2.36 12.18
CA ARG B 141 -35.98 -2.67 13.60
C ARG B 141 -35.26 -1.56 14.33
N TYR B 142 -35.66 -1.33 15.58
CA TYR B 142 -34.92 -0.48 16.48
C TYR B 142 -34.27 -1.38 17.53
N LEU B 143 -32.96 -1.54 17.44
CA LEU B 143 -32.22 -2.39 18.36
C LEU B 143 -31.68 -1.55 19.51
N VAL B 144 -32.24 -1.77 20.71
CA VAL B 144 -31.89 -0.98 21.89
C VAL B 144 -30.64 -1.51 22.57
N PHE B 145 -29.63 -0.65 22.76
CA PHE B 145 -28.41 -1.07 23.42
C PHE B 145 -28.06 -0.27 24.68
N ASP B 146 -28.84 0.76 24.97
CA ASP B 146 -28.65 1.52 26.21
C ASP B 146 -29.91 2.28 26.61
N CYS B 147 -29.93 2.76 27.85
CA CYS B 147 -31.06 3.51 28.39
C CYS B 147 -30.55 4.64 29.27
N LEU B 148 -30.92 5.87 28.93
CA LEU B 148 -30.44 7.03 29.68
C LEU B 148 -31.44 7.41 30.77
N ALA B 149 -32.71 7.11 30.52
CA ALA B 149 -33.77 7.40 31.47
C ALA B 149 -34.98 6.52 31.19
N CYS B 150 -35.68 6.15 32.26
CA CYS B 150 -36.88 5.34 32.15
C CYS B 150 -37.88 5.76 33.22
N ASP B 151 -39.05 6.23 32.77
CA ASP B 151 -40.14 6.63 33.68
C ASP B 151 -39.76 7.73 34.67
N GLY B 152 -39.08 8.76 34.19
CA GLY B 152 -38.74 9.90 35.02
C GLY B 152 -37.43 9.77 35.78
N ILE B 153 -36.87 8.57 35.80
CA ILE B 153 -35.63 8.32 36.53
C ILE B 153 -34.43 8.20 35.60
N VAL B 154 -33.38 8.98 35.89
CA VAL B 154 -32.15 8.98 35.11
C VAL B 154 -31.23 7.85 35.55
N TYR B 155 -30.74 7.06 34.59
CA TYR B 155 -29.91 5.90 34.90
C TYR B 155 -28.49 6.02 34.36
N MET B 156 -28.14 7.20 33.86
CA MET B 156 -26.83 7.43 33.24
C MET B 156 -25.67 7.18 34.21
N SER B 157 -25.92 7.36 35.50
CA SER B 157 -24.87 7.18 36.52
C SER B 157 -24.74 5.72 36.93
N ARG B 158 -25.71 4.90 36.54
CA ARG B 158 -25.68 3.48 36.85
C ARG B 158 -24.86 2.72 35.81
N LEU B 159 -24.51 1.48 36.11
CA LEU B 159 -23.75 0.65 35.17
C LEU B 159 -24.68 0.02 34.12
N LEU B 160 -24.10 -0.50 33.05
CA LEU B 160 -24.86 -1.00 31.91
C LEU B 160 -25.90 -2.07 32.28
N ASP B 161 -25.52 -3.00 33.15
CA ASP B 161 -26.41 -4.08 33.58
C ASP B 161 -27.73 -3.53 34.12
N LYS B 162 -27.62 -2.50 34.96
CA LYS B 162 -28.81 -1.84 35.51
C LYS B 162 -29.53 -1.04 34.43
N ARG B 163 -28.75 -0.35 33.59
CA ARG B 163 -29.30 0.48 32.52
C ARG B 163 -30.19 -0.33 31.57
N LEU B 164 -29.66 -1.46 31.10
CA LEU B 164 -30.43 -2.36 30.25
C LEU B 164 -31.46 -3.12 31.06
N GLY B 165 -31.19 -3.29 32.35
CA GLY B 165 -32.09 -4.02 33.24
C GLY B 165 -33.43 -3.34 33.39
N ILE B 166 -33.41 -2.03 33.64
CA ILE B 166 -34.66 -1.28 33.79
C ILE B 166 -35.41 -1.18 32.45
N PHE B 167 -34.67 -1.14 31.34
CA PHE B 167 -35.29 -1.10 30.02
C PHE B 167 -36.02 -2.42 29.76
N ALA B 168 -35.35 -3.52 30.08
CA ALA B 168 -35.92 -4.84 29.85
C ALA B 168 -37.20 -5.04 30.65
N LYS B 169 -37.22 -4.55 31.89
CA LYS B 169 -38.37 -4.74 32.77
C LYS B 169 -39.55 -3.82 32.45
N SER B 170 -39.26 -2.54 32.26
CA SER B 170 -40.31 -1.54 32.07
C SER B 170 -40.85 -1.46 30.65
N ILE B 171 -39.96 -1.67 29.66
CA ILE B 171 -40.32 -1.45 28.27
C ILE B 171 -40.44 -2.72 27.43
N GLN B 172 -39.36 -3.48 27.34
CA GLN B 172 -39.31 -4.63 26.45
C GLN B 172 -40.25 -5.77 26.86
N LYS B 173 -40.19 -6.14 28.13
CA LYS B 173 -41.03 -7.23 28.65
C LYS B 173 -42.54 -7.00 28.46
N PRO B 174 -43.05 -5.80 28.82
CA PRO B 174 -44.48 -5.59 28.57
C PRO B 174 -44.80 -5.58 27.08
N LEU B 175 -43.88 -5.06 26.27
CA LEU B 175 -44.07 -5.02 24.82
C LEU B 175 -44.14 -6.44 24.24
N ASP B 176 -43.27 -7.32 24.75
CA ASP B 176 -43.25 -8.71 24.29
C ASP B 176 -44.54 -9.44 24.67
N GLU B 177 -45.00 -9.25 25.90
CA GLU B 177 -46.22 -9.89 26.38
C GLU B 177 -47.46 -9.43 25.61
N TYR B 178 -47.54 -8.13 25.35
CA TYR B 178 -48.63 -7.58 24.54
C TYR B 178 -48.58 -8.11 23.12
N THR B 179 -47.40 -8.03 22.51
CA THR B 179 -47.19 -8.43 21.12
C THR B 179 -47.63 -9.87 20.84
N LYS B 180 -47.39 -10.77 21.79
CA LYS B 180 -47.71 -12.18 21.59
C LYS B 180 -49.22 -12.46 21.70
N THR B 181 -50.00 -11.46 22.08
CA THR B 181 -51.46 -11.60 22.16
C THR B 181 -52.19 -10.58 21.30
N HIS B 182 -51.45 -9.84 20.50
CA HIS B 182 -52.03 -8.84 19.60
C HIS B 182 -51.21 -8.75 18.30
N MET B 183 -50.97 -9.91 17.70
CA MET B 183 -50.14 -10.03 16.50
C MET B 183 -50.46 -8.99 15.42
N ARG B 184 -51.76 -8.78 15.18
CA ARG B 184 -52.19 -7.83 14.16
C ARG B 184 -51.71 -6.41 14.43
N GLU B 185 -51.70 -6.01 15.70
CA GLU B 185 -51.23 -4.69 16.08
C GLU B 185 -49.73 -4.57 15.79
N THR B 186 -49.02 -5.69 15.90
CA THR B 186 -47.59 -5.74 15.59
C THR B 186 -47.40 -5.89 14.08
N ALA B 187 -48.12 -5.07 13.32
CA ALA B 187 -48.02 -5.02 11.88
C ALA B 187 -48.31 -3.59 11.42
N ILE B 188 -48.90 -2.82 12.32
CA ILE B 188 -49.13 -1.40 12.11
C ILE B 188 -47.89 -0.63 12.59
N PHE B 189 -47.10 -1.26 13.45
CA PHE B 189 -45.84 -0.70 13.94
C PHE B 189 -44.89 -0.32 12.80
N PRO B 190 -44.37 0.91 12.84
CA PRO B 190 -43.38 1.38 11.85
C PRO B 190 -42.08 0.60 11.99
N PHE B 191 -41.82 0.10 13.20
CA PHE B 191 -40.64 -0.72 13.45
C PHE B 191 -40.83 -1.61 14.68
N LEU B 192 -40.11 -2.73 14.71
CA LEU B 192 -40.12 -3.61 15.88
C LEU B 192 -38.97 -3.21 16.82
N THR B 193 -39.26 -3.18 18.12
CA THR B 193 -38.25 -2.82 19.10
C THR B 193 -37.79 -4.07 19.85
N SER B 194 -36.48 -4.21 20.02
CA SER B 194 -35.94 -5.36 20.74
C SER B 194 -34.61 -5.03 21.41
N LEU B 195 -34.31 -5.78 22.47
CA LEU B 195 -33.05 -5.64 23.17
C LEU B 195 -31.93 -6.26 22.34
N LYS B 196 -30.87 -5.50 22.10
CA LYS B 196 -29.74 -6.03 21.35
C LYS B 196 -28.98 -7.05 22.18
N LYS B 197 -28.85 -8.26 21.64
CA LYS B 197 -28.14 -9.32 22.33
C LYS B 197 -26.63 -9.12 22.25
N MET B 198 -25.97 -9.21 23.40
CA MET B 198 -24.52 -9.05 23.44
C MET B 198 -23.87 -10.30 23.99
N GLU B 199 -22.57 -10.44 23.73
CA GLU B 199 -21.77 -11.51 24.31
C GLU B 199 -20.78 -10.89 25.28
N LEU B 200 -20.15 -11.73 26.11
CA LEU B 200 -19.07 -11.26 26.98
C LEU B 200 -17.91 -10.82 26.09
N GLY B 201 -17.11 -9.87 26.57
CA GLY B 201 -16.04 -9.27 25.77
C GLY B 201 -15.08 -10.24 25.11
N HIS B 202 -14.87 -11.39 25.74
CA HIS B 202 -13.93 -12.38 25.21
C HIS B 202 -14.59 -13.40 24.29
N GLY B 203 -15.78 -13.08 23.79
CA GLY B 203 -16.53 -14.02 22.96
C GLY B 203 -16.81 -13.55 21.55
N ILE B 204 -15.80 -13.02 20.87
CA ILE B 204 -15.95 -12.53 19.50
C ILE B 204 -15.99 -13.66 18.47
N LEU B 205 -15.42 -14.82 18.83
CA LEU B 205 -15.39 -15.96 17.92
C LEU B 205 -16.80 -16.43 17.62
N LYS B 206 -17.66 -16.40 18.63
CA LYS B 206 -19.05 -16.79 18.47
C LYS B 206 -19.77 -15.85 17.50
N LEU B 207 -19.47 -14.56 17.59
CA LEU B 207 -20.03 -13.56 16.69
C LEU B 207 -19.58 -13.82 15.25
N PHE B 208 -18.28 -14.09 15.10
CA PHE B 208 -17.69 -14.32 13.78
C PHE B 208 -18.22 -15.58 13.10
N ASN B 209 -18.22 -16.69 13.83
CA ASN B 209 -18.60 -17.97 13.25
C ASN B 209 -20.11 -18.19 13.15
N GLU B 210 -20.86 -17.65 14.12
CA GLU B 210 -22.28 -17.95 14.22
C GLU B 210 -23.22 -16.75 13.97
N VAL B 211 -23.19 -15.77 14.86
CA VAL B 211 -24.14 -14.66 14.83
C VAL B 211 -24.11 -13.84 13.53
N ILE B 212 -22.93 -13.33 13.18
CA ILE B 212 -22.79 -12.42 12.04
C ILE B 212 -23.21 -12.96 10.66
N PRO B 213 -22.78 -14.18 10.29
CA PRO B 213 -23.21 -14.67 8.98
C PRO B 213 -24.72 -14.85 8.85
N ARG B 214 -25.40 -15.04 9.99
CA ARG B 214 -26.86 -15.22 9.98
C ARG B 214 -27.61 -13.89 10.07
N LEU B 215 -26.88 -12.79 10.09
CA LEU B 215 -27.50 -11.46 10.14
C LEU B 215 -28.29 -11.16 8.87
N ARG B 216 -29.43 -10.49 9.04
CA ARG B 216 -30.28 -10.14 7.90
C ARG B 216 -30.15 -8.66 7.57
N HIS B 217 -29.21 -7.99 8.22
CA HIS B 217 -28.89 -6.61 7.90
C HIS B 217 -27.37 -6.41 7.82
N GLY B 218 -26.95 -5.22 7.40
CA GLY B 218 -25.53 -4.96 7.23
C GLY B 218 -24.76 -4.89 8.54
N ASN B 219 -23.58 -5.53 8.56
CA ASN B 219 -22.68 -5.45 9.70
C ASN B 219 -21.46 -4.58 9.38
N ASP B 220 -21.01 -3.79 10.35
CA ASP B 220 -19.85 -2.93 10.15
C ASP B 220 -18.82 -3.12 11.26
N GLY B 221 -18.50 -4.38 11.56
CA GLY B 221 -17.51 -4.67 12.59
C GLY B 221 -18.11 -4.99 13.94
N LEU B 222 -17.45 -4.54 15.00
CA LEU B 222 -17.88 -4.85 16.36
C LEU B 222 -17.88 -3.61 17.27
N ILE B 223 -18.70 -3.65 18.31
CA ILE B 223 -18.70 -2.60 19.33
C ILE B 223 -18.42 -3.22 20.70
N PHE B 224 -17.41 -2.71 21.40
CA PHE B 224 -17.13 -3.14 22.76
C PHE B 224 -17.70 -2.14 23.76
N THR B 225 -18.55 -2.62 24.65
CA THR B 225 -19.18 -1.76 25.66
C THR B 225 -18.71 -2.15 27.05
N CYS B 226 -18.15 -1.19 27.79
CA CYS B 226 -17.69 -1.45 29.14
C CYS B 226 -18.87 -1.54 30.10
N THR B 227 -18.84 -2.54 30.98
CA THR B 227 -19.93 -2.77 31.93
C THR B 227 -19.61 -2.25 33.33
N GLU B 228 -18.53 -1.47 33.44
CA GLU B 228 -18.10 -0.92 34.72
C GLU B 228 -18.06 0.61 34.70
N THR B 229 -18.63 1.20 33.66
CA THR B 229 -18.59 2.66 33.50
C THR B 229 -19.98 3.25 33.34
N PRO B 230 -20.16 4.49 33.83
CA PRO B 230 -21.41 5.22 33.65
C PRO B 230 -21.60 5.64 32.20
N TYR B 231 -22.82 6.03 31.82
CA TYR B 231 -23.06 6.51 30.47
C TYR B 231 -22.41 7.88 30.31
N VAL B 232 -21.70 8.07 29.20
CA VAL B 232 -21.02 9.34 28.94
C VAL B 232 -21.57 10.03 27.71
N SER B 233 -21.98 11.29 27.86
CA SER B 233 -22.40 12.08 26.71
C SER B 233 -21.18 12.51 25.90
N GLY B 234 -21.22 12.28 24.60
CA GLY B 234 -20.08 12.58 23.75
C GLY B 234 -19.10 11.41 23.67
N THR B 235 -17.87 11.71 23.27
CA THR B 235 -16.84 10.68 23.11
C THR B 235 -16.58 9.90 24.40
N ASP B 236 -16.79 8.58 24.34
CA ASP B 236 -16.56 7.69 25.47
C ASP B 236 -15.33 6.84 25.18
N GLN B 237 -14.25 7.07 25.93
CA GLN B 237 -13.00 6.37 25.74
C GLN B 237 -13.11 4.88 26.06
N SER B 238 -14.19 4.49 26.74
CA SER B 238 -14.41 3.09 27.08
C SER B 238 -15.24 2.37 26.02
N LEU B 239 -15.92 3.13 25.18
CA LEU B 239 -16.77 2.58 24.12
C LEU B 239 -15.94 2.38 22.85
N LEU B 240 -15.74 1.12 22.47
CA LEU B 240 -14.74 0.80 21.45
C LEU B 240 -15.35 0.31 20.14
N LYS B 241 -14.89 0.89 19.04
CA LYS B 241 -15.38 0.56 17.70
C LYS B 241 -14.31 -0.17 16.90
N TRP B 242 -14.56 -1.42 16.56
CA TRP B 242 -13.58 -2.22 15.83
C TRP B 242 -14.07 -2.66 14.46
N LYS B 243 -13.24 -2.42 13.44
CA LYS B 243 -13.54 -2.86 12.09
C LYS B 243 -12.36 -3.63 11.50
N PRO B 244 -12.65 -4.69 10.74
CA PRO B 244 -11.58 -5.35 9.99
C PRO B 244 -11.07 -4.38 8.92
N LYS B 245 -9.86 -4.61 8.43
CA LYS B 245 -9.22 -3.70 7.47
C LYS B 245 -10.06 -3.46 6.22
N GLU B 246 -10.79 -4.49 5.78
CA GLU B 246 -11.55 -4.43 4.53
C GLU B 246 -12.78 -3.52 4.61
N MET B 247 -13.10 -3.03 5.80
CA MET B 247 -14.25 -2.14 5.98
C MET B 247 -13.81 -0.68 6.09
N ASN B 248 -12.51 -0.47 6.33
CA ASN B 248 -11.95 0.88 6.32
C ASN B 248 -11.66 1.32 4.89
N THR B 249 -12.73 1.58 4.14
CA THR B 249 -12.61 1.90 2.72
C THR B 249 -12.20 3.34 2.48
N ILE B 250 -11.66 3.60 1.30
CA ILE B 250 -11.25 4.93 0.90
C ILE B 250 -11.73 5.19 -0.53
N ASP B 251 -12.21 6.40 -0.78
CA ASP B 251 -12.65 6.77 -2.13
C ASP B 251 -11.50 7.40 -2.90
N PHE B 252 -11.17 6.80 -4.04
CA PHE B 252 -10.12 7.32 -4.90
C PHE B 252 -10.68 7.78 -6.25
N MET B 253 -9.87 8.52 -7.00
CA MET B 253 -10.15 8.78 -8.40
C MET B 253 -9.39 7.74 -9.24
N LEU B 254 -10.12 6.99 -10.05
CA LEU B 254 -9.51 5.95 -10.87
C LEU B 254 -9.17 6.46 -12.27
N LYS B 255 -7.94 6.19 -12.69
CA LYS B 255 -7.51 6.49 -14.06
C LYS B 255 -6.86 5.27 -14.67
N LEU B 256 -7.26 4.95 -15.89
CA LEU B 256 -6.69 3.81 -16.60
C LEU B 256 -5.61 4.28 -17.56
N GLU B 257 -4.54 3.51 -17.66
CA GLU B 257 -3.48 3.82 -18.62
C GLU B 257 -3.09 2.57 -19.39
N PHE B 258 -3.23 2.64 -20.71
CA PHE B 258 -2.87 1.52 -21.57
C PHE B 258 -1.49 1.74 -22.18
N ALA B 259 -0.69 0.68 -22.23
CA ALA B 259 0.64 0.76 -22.81
C ALA B 259 0.58 0.74 -24.34
N GLN B 260 1.18 1.74 -24.97
CA GLN B 260 1.26 1.80 -26.42
C GLN B 260 2.34 0.86 -26.92
N PRO B 261 1.97 -0.08 -27.80
CA PRO B 261 2.91 -1.05 -28.36
C PRO B 261 3.97 -0.39 -29.24
N GLU B 262 5.12 -1.03 -29.38
CA GLU B 262 6.17 -0.56 -30.28
C GLU B 262 5.66 -0.54 -31.72
N GLU B 263 5.04 -1.63 -32.13
CA GLU B 263 4.44 -1.73 -33.46
C GLU B 263 2.96 -2.03 -33.35
N GLY B 264 2.16 -1.32 -34.16
CA GLY B 264 0.73 -1.52 -34.17
C GLY B 264 -0.03 -0.52 -33.32
N ASP B 265 -1.32 -0.75 -33.17
CA ASP B 265 -2.18 0.10 -32.34
C ASP B 265 -2.49 -0.55 -30.99
N ILE B 266 -3.08 0.24 -30.10
CA ILE B 266 -3.32 -0.21 -28.73
C ILE B 266 -4.36 -1.33 -28.61
N ASP B 267 -3.98 -2.40 -27.93
CA ASP B 267 -4.92 -3.47 -27.57
C ASP B 267 -5.64 -3.10 -26.28
N TYR B 268 -6.86 -2.57 -26.41
CA TYR B 268 -7.61 -2.11 -25.25
C TYR B 268 -8.28 -3.24 -24.48
N SER B 269 -8.20 -4.46 -25.01
CA SER B 269 -8.72 -5.63 -24.30
C SER B 269 -7.74 -6.08 -23.23
N ALA B 270 -6.47 -5.69 -23.39
CA ALA B 270 -5.42 -6.10 -22.48
C ALA B 270 -5.47 -5.34 -21.16
N MET B 271 -4.98 -5.97 -20.10
CA MET B 271 -4.95 -5.37 -18.76
C MET B 271 -4.17 -4.05 -18.74
N PRO B 272 -4.84 -2.96 -18.35
CA PRO B 272 -4.18 -1.65 -18.24
C PRO B 272 -3.57 -1.45 -16.86
N GLU B 273 -2.98 -0.27 -16.65
CA GLU B 273 -2.54 0.16 -15.34
C GLU B 273 -3.68 0.90 -14.65
N PHE B 274 -3.98 0.55 -13.41
CA PHE B 274 -5.07 1.20 -12.67
C PHE B 274 -4.54 2.18 -11.64
N GLN B 275 -4.62 3.47 -11.95
CA GLN B 275 -4.08 4.50 -11.06
C GLN B 275 -5.14 5.01 -10.09
N LEU B 276 -4.78 5.06 -8.81
CA LEU B 276 -5.66 5.61 -7.79
C LEU B 276 -5.14 6.96 -7.35
N GLY B 277 -5.98 7.98 -7.49
CA GLY B 277 -5.58 9.35 -7.17
C GLY B 277 -6.31 9.87 -5.96
N VAL B 278 -5.61 10.64 -5.14
CA VAL B 278 -6.22 11.28 -3.98
C VAL B 278 -6.49 12.75 -4.26
N TRP B 279 -7.53 13.27 -3.60
CA TRP B 279 -7.91 14.67 -3.74
C TRP B 279 -7.14 15.53 -2.75
N GLU B 280 -6.38 16.50 -3.25
CA GLU B 280 -5.53 17.34 -2.40
C GLU B 280 -6.10 18.74 -2.21
N GLY B 281 -7.39 18.89 -2.47
CA GLY B 281 -8.04 20.18 -2.31
C GLY B 281 -8.36 20.84 -3.64
N ARG B 282 -9.42 21.64 -3.65
CA ARG B 282 -9.85 22.36 -4.85
C ARG B 282 -10.06 21.42 -6.04
N ASN B 283 -9.10 21.42 -6.95
CA ASN B 283 -9.18 20.63 -8.17
C ASN B 283 -7.88 19.90 -8.44
N MET B 284 -7.07 19.75 -7.39
CA MET B 284 -5.76 19.10 -7.51
C MET B 284 -5.83 17.63 -7.10
N TYR B 285 -5.38 16.75 -8.00
CA TYR B 285 -5.31 15.33 -7.69
C TYR B 285 -3.86 14.85 -7.75
N SER B 286 -3.57 13.79 -7.00
CA SER B 286 -2.21 13.28 -6.89
C SER B 286 -2.19 11.76 -6.85
N PHE B 287 -1.23 11.15 -7.54
CA PHE B 287 -1.11 9.70 -7.55
C PHE B 287 -0.83 9.16 -6.16
N PHE B 288 -1.58 8.13 -5.77
CA PHE B 288 -1.44 7.55 -4.44
C PHE B 288 -1.01 6.09 -4.48
N ALA B 289 -1.62 5.31 -5.38
CA ALA B 289 -1.34 3.88 -5.47
C ALA B 289 -1.91 3.28 -6.74
N PHE B 290 -1.54 2.03 -6.99
CA PHE B 290 -2.17 1.26 -8.06
C PHE B 290 -3.25 0.36 -7.46
N MET B 291 -4.32 0.14 -8.22
CA MET B 291 -5.36 -0.78 -7.79
C MET B 291 -5.03 -2.16 -8.35
N TYR B 292 -5.06 -3.18 -7.49
CA TYR B 292 -4.78 -4.53 -7.96
C TYR B 292 -6.01 -5.19 -8.57
N VAL B 293 -5.90 -5.52 -9.84
CA VAL B 293 -6.99 -6.17 -10.57
C VAL B 293 -6.47 -7.47 -11.19
N ASP B 294 -7.05 -8.60 -10.80
CA ASP B 294 -6.66 -9.88 -11.41
C ASP B 294 -7.32 -10.04 -12.78
N GLU B 295 -6.99 -11.13 -13.47
CA GLU B 295 -7.51 -11.37 -14.81
C GLU B 295 -9.04 -11.49 -14.87
N LYS B 296 -9.62 -12.18 -13.89
CA LYS B 296 -11.06 -12.36 -13.86
C LYS B 296 -11.80 -11.06 -13.55
N GLU B 297 -11.21 -10.24 -12.68
CA GLU B 297 -11.77 -8.95 -12.32
C GLU B 297 -11.82 -8.01 -13.53
N TRP B 298 -10.76 -8.03 -14.32
CA TRP B 298 -10.67 -7.17 -15.49
C TRP B 298 -11.74 -7.50 -16.52
N GLU B 299 -12.04 -8.78 -16.68
CA GLU B 299 -13.13 -9.20 -17.56
C GLU B 299 -14.47 -8.74 -17.01
N LYS B 300 -14.60 -8.77 -15.68
CA LYS B 300 -15.81 -8.30 -15.01
C LYS B 300 -16.02 -6.80 -15.19
N LEU B 301 -14.93 -6.04 -15.03
CA LEU B 301 -14.98 -4.58 -15.20
C LEU B 301 -15.37 -4.19 -16.62
N LYS B 302 -14.82 -4.89 -17.60
CA LYS B 302 -15.18 -4.66 -19.00
C LYS B 302 -16.63 -5.07 -19.25
N SER B 303 -17.07 -6.12 -18.57
CA SER B 303 -18.43 -6.62 -18.74
C SER B 303 -19.47 -5.61 -18.27
N PHE B 304 -19.07 -4.73 -17.36
CA PHE B 304 -19.94 -3.64 -16.88
C PHE B 304 -20.39 -2.76 -18.05
N ASN B 305 -19.52 -2.60 -19.03
CA ASN B 305 -19.74 -1.69 -20.14
C ASN B 305 -20.08 -0.27 -19.68
N VAL B 306 -19.29 0.24 -18.72
CA VAL B 306 -19.43 1.61 -18.27
C VAL B 306 -18.05 2.26 -18.31
N PRO B 307 -18.00 3.61 -18.36
CA PRO B 307 -16.70 4.28 -18.28
C PRO B 307 -15.99 3.92 -16.97
N LEU B 308 -14.70 3.62 -17.04
CA LEU B 308 -13.95 3.24 -15.85
C LEU B 308 -12.99 4.34 -15.42
N SER B 309 -12.41 5.02 -16.41
CA SER B 309 -11.46 6.10 -16.14
C SER B 309 -12.19 7.37 -15.74
N GLU B 310 -11.54 8.18 -14.91
CA GLU B 310 -12.10 9.43 -14.38
C GLU B 310 -13.35 9.19 -13.54
N ARG B 311 -13.37 8.08 -12.81
CA ARG B 311 -14.49 7.74 -11.94
C ARG B 311 -14.07 7.74 -10.47
N ILE B 312 -14.98 8.17 -9.60
CA ILE B 312 -14.76 8.02 -8.17
C ILE B 312 -15.14 6.60 -7.78
N VAL B 313 -14.21 5.88 -7.18
CA VAL B 313 -14.47 4.50 -6.77
C VAL B 313 -14.15 4.31 -5.29
N GLU B 314 -14.85 3.36 -4.68
CA GLU B 314 -14.54 2.99 -3.30
C GLU B 314 -13.66 1.75 -3.33
N CYS B 315 -12.55 1.80 -2.60
CA CYS B 315 -11.58 0.70 -2.59
C CYS B 315 -11.26 0.25 -1.18
N TYR B 316 -10.85 -1.02 -1.06
CA TYR B 316 -10.45 -1.58 0.23
C TYR B 316 -9.12 -2.31 0.12
N LEU B 317 -8.40 -2.41 1.23
CA LEU B 317 -7.15 -3.18 1.28
C LEU B 317 -7.45 -4.64 1.58
N ASP B 318 -6.84 -5.54 0.80
CA ASP B 318 -7.02 -6.97 1.02
C ASP B 318 -5.96 -7.58 1.96
N ASP B 319 -5.90 -8.91 2.00
CA ASP B 319 -4.99 -9.61 2.89
C ASP B 319 -3.51 -9.42 2.56
N GLU B 320 -3.23 -8.93 1.35
CA GLU B 320 -1.86 -8.66 0.93
C GLU B 320 -1.59 -7.16 0.94
N ASN B 321 -2.50 -6.40 1.55
CA ASN B 321 -2.42 -4.95 1.56
C ASN B 321 -2.36 -4.35 0.17
N ARG B 322 -3.20 -4.88 -0.73
CA ARG B 322 -3.34 -4.31 -2.07
C ARG B 322 -4.74 -3.70 -2.17
N TRP B 323 -4.83 -2.54 -2.82
CA TRP B 323 -6.12 -1.89 -3.01
C TRP B 323 -6.98 -2.65 -4.02
N ARG B 324 -8.22 -2.95 -3.64
CA ARG B 324 -9.13 -3.67 -4.51
C ARG B 324 -10.40 -2.85 -4.73
N PHE B 325 -10.96 -2.95 -5.94
CA PHE B 325 -12.20 -2.26 -6.27
C PHE B 325 -13.37 -2.80 -5.46
N LEU B 326 -14.20 -1.91 -4.94
CA LEU B 326 -15.42 -2.32 -4.26
C LEU B 326 -16.65 -1.88 -5.04
N ARG B 327 -16.78 -0.58 -5.26
CA ARG B 327 -17.93 -0.03 -5.97
C ARG B 327 -17.65 1.37 -6.48
N PHE B 328 -18.42 1.79 -7.48
CA PHE B 328 -18.38 3.18 -7.93
C PHE B 328 -19.11 4.05 -6.91
N ARG B 329 -18.67 5.29 -6.78
CA ARG B 329 -19.35 6.24 -5.92
C ARG B 329 -19.83 7.44 -6.73
N ASP B 330 -21.06 7.35 -7.24
CA ASP B 330 -21.63 8.39 -8.07
C ASP B 330 -22.20 9.52 -7.22
N ASP B 331 -22.25 9.28 -5.91
CA ASP B 331 -22.81 10.24 -4.96
C ASP B 331 -21.75 11.23 -4.46
N LYS B 332 -20.49 11.01 -4.86
CA LYS B 332 -19.39 11.86 -4.40
C LYS B 332 -18.89 12.82 -5.47
N ARG B 333 -18.67 14.06 -5.08
CA ARG B 333 -18.11 15.06 -5.97
C ARG B 333 -16.63 14.77 -6.20
N ASP B 334 -15.90 14.54 -5.11
CA ASP B 334 -14.47 14.26 -5.21
C ASP B 334 -14.09 12.98 -4.50
N ALA B 335 -12.87 12.51 -4.73
CA ALA B 335 -12.31 11.43 -3.93
C ALA B 335 -12.10 11.96 -2.52
N ASN B 336 -11.87 11.05 -1.57
CA ASN B 336 -11.57 11.46 -0.20
C ASN B 336 -10.39 12.44 -0.15
N HIS B 337 -10.49 13.44 0.71
CA HIS B 337 -9.40 14.40 0.89
C HIS B 337 -8.19 13.68 1.50
N ILE B 338 -6.99 14.14 1.18
CA ILE B 338 -5.77 13.52 1.66
C ILE B 338 -5.72 13.43 3.19
N SER B 339 -6.31 14.42 3.87
CA SER B 339 -6.38 14.41 5.33
C SER B 339 -7.26 13.27 5.82
N THR B 340 -8.31 12.96 5.06
CA THR B 340 -9.20 11.86 5.38
C THR B 340 -8.54 10.50 5.10
N VAL B 341 -7.82 10.43 3.98
CA VAL B 341 -7.09 9.21 3.61
C VAL B 341 -6.09 8.86 4.70
N LYS B 342 -5.31 9.85 5.11
CA LYS B 342 -4.33 9.72 6.18
C LYS B 342 -4.99 9.21 7.45
N SER B 343 -6.14 9.79 7.79
CA SER B 343 -6.88 9.42 8.99
C SER B 343 -7.36 7.98 8.97
N VAL B 344 -7.90 7.53 7.84
CA VAL B 344 -8.38 6.15 7.71
C VAL B 344 -7.22 5.16 7.79
N LEU B 345 -6.15 5.44 7.05
CA LEU B 345 -4.95 4.60 7.07
C LEU B 345 -4.33 4.54 8.47
N GLN B 346 -4.42 5.64 9.20
CA GLN B 346 -3.89 5.69 10.56
C GLN B 346 -4.65 4.73 11.46
N SER B 347 -5.97 4.70 11.33
CA SER B 347 -6.80 3.82 12.16
C SER B 347 -6.54 2.35 11.82
N ILE B 348 -6.05 2.10 10.62
CA ILE B 348 -5.66 0.75 10.21
C ILE B 348 -4.28 0.41 10.77
N GLU B 349 -3.35 1.35 10.63
CA GLU B 349 -1.98 1.15 11.12
C GLU B 349 -1.93 0.99 12.64
N ASP B 350 -2.68 1.82 13.35
CA ASP B 350 -2.74 1.76 14.81
C ASP B 350 -3.72 0.70 15.29
N GLY B 351 -4.38 0.05 14.35
CA GLY B 351 -5.41 -0.91 14.68
C GLY B 351 -4.89 -2.31 14.99
N VAL B 352 -5.83 -3.24 15.21
CA VAL B 352 -5.48 -4.62 15.49
C VAL B 352 -6.19 -5.52 14.48
N SER B 353 -5.43 -6.43 13.85
CA SER B 353 -6.01 -7.36 12.90
C SER B 353 -6.96 -8.34 13.58
N LYS B 354 -7.83 -8.96 12.79
CA LYS B 354 -8.77 -9.96 13.31
C LYS B 354 -8.04 -11.13 13.95
N GLU B 355 -6.89 -11.48 13.37
CA GLU B 355 -6.08 -12.59 13.87
C GLU B 355 -5.52 -12.31 15.26
N ASP B 356 -4.88 -11.15 15.42
CA ASP B 356 -4.29 -10.78 16.70
C ASP B 356 -5.36 -10.59 17.79
N LEU B 357 -6.53 -10.10 17.38
CA LEU B 357 -7.63 -9.91 18.30
C LEU B 357 -8.09 -11.24 18.87
N LEU B 358 -8.20 -12.25 18.00
CA LEU B 358 -8.56 -13.60 18.40
C LEU B 358 -7.52 -14.20 19.34
N LYS B 359 -6.25 -13.93 19.07
CA LYS B 359 -5.15 -14.41 19.90
C LYS B 359 -5.20 -13.82 21.31
N GLU B 360 -5.83 -12.66 21.45
CA GLU B 360 -5.88 -11.98 22.74
C GLU B 360 -7.04 -12.46 23.60
N MET B 361 -7.98 -13.16 22.97
CA MET B 361 -9.19 -13.64 23.66
C MET B 361 -8.98 -14.51 24.92
N PRO B 362 -8.12 -15.54 24.85
CA PRO B 362 -7.94 -16.36 26.06
C PRO B 362 -7.36 -15.59 27.23
N ILE B 363 -6.45 -14.64 26.94
CA ILE B 363 -5.85 -13.80 27.97
C ILE B 363 -6.91 -12.90 28.62
N ILE B 364 -7.78 -12.34 27.79
CA ILE B 364 -8.87 -11.48 28.24
C ILE B 364 -9.84 -12.28 29.09
N ARG B 365 -10.10 -13.51 28.66
CA ARG B 365 -10.99 -14.43 29.36
C ARG B 365 -10.47 -14.74 30.76
N GLU B 366 -9.19 -15.11 30.83
CA GLU B 366 -8.56 -15.46 32.10
C GLU B 366 -8.56 -14.29 33.07
N ALA B 367 -8.31 -13.09 32.56
CA ALA B 367 -8.34 -11.88 33.37
C ALA B 367 -9.76 -11.59 33.85
N TYR B 368 -10.75 -11.97 33.03
CA TYR B 368 -12.16 -11.78 33.39
C TYR B 368 -12.54 -12.60 34.62
N TYR B 369 -12.12 -13.86 34.65
CA TYR B 369 -12.44 -14.74 35.77
C TYR B 369 -11.58 -14.44 37.00
N ASN B 370 -10.45 -13.78 36.79
CA ASN B 370 -9.57 -13.40 37.89
C ASN B 370 -10.03 -12.15 38.65
N ARG B 371 -10.99 -11.45 38.07
CA ARG B 371 -11.58 -10.28 38.74
C ARG B 371 -12.87 -10.68 39.47
N LYS B 372 -13.15 -11.97 39.50
CA LYS B 372 -14.35 -12.48 40.16
C LYS B 372 -14.14 -12.73 41.64
N LYS B 373 -12.88 -12.77 42.06
CA LYS B 373 -12.55 -12.94 43.47
C LYS B 373 -13.09 -11.77 44.30
S SO4 C . 18.84 14.32 -5.25
O1 SO4 C . 20.02 14.78 -4.53
O2 SO4 C . 19.19 13.13 -6.02
O3 SO4 C . 17.78 14.00 -4.31
O4 SO4 C . 18.37 15.37 -6.15
S SO4 D . 14.39 11.53 -8.01
O1 SO4 D . 15.04 11.09 -9.24
O2 SO4 D . 15.11 10.99 -6.86
O3 SO4 D . 13.02 11.06 -7.99
O4 SO4 D . 14.40 12.99 -7.94
S SO4 E . 9.40 -11.05 -4.58
O1 SO4 E . 10.05 -12.30 -4.96
O2 SO4 E . 9.75 -10.01 -5.54
O3 SO4 E . 9.85 -10.65 -3.26
O4 SO4 E . 7.96 -11.22 -4.58
S SO4 F . 36.01 -13.67 1.42
O1 SO4 F . 36.81 -14.84 1.06
O2 SO4 F . 36.22 -12.62 0.42
O3 SO4 F . 36.44 -13.16 2.72
O4 SO4 F . 34.61 -14.04 1.45
S SO4 G . 24.50 -13.49 -36.58
O1 SO4 G . 25.75 -13.74 -37.29
O2 SO4 G . 23.46 -14.40 -37.07
O3 SO4 G . 24.71 -13.72 -35.15
O4 SO4 G . 24.08 -12.11 -36.80
S SO4 H . 30.90 -13.61 -40.13
O1 SO4 H . 31.62 -13.94 -41.36
O2 SO4 H . 31.78 -13.77 -38.98
O3 SO4 H . 29.74 -14.50 -39.99
O4 SO4 H . 30.44 -12.23 -40.22
S SO4 I . 45.41 15.38 -21.24
O1 SO4 I . 44.80 14.16 -21.77
O2 SO4 I . 46.59 15.70 -22.01
O3 SO4 I . 45.78 15.17 -19.84
O4 SO4 I . 44.46 16.49 -21.33
S SO4 J . 20.40 -27.61 -19.00
O1 SO4 J . 21.57 -27.05 -18.31
O2 SO4 J . 20.65 -29.01 -19.32
O3 SO4 J . 19.24 -27.51 -18.13
O4 SO4 J . 20.16 -26.86 -20.22
S SO4 K . 24.20 4.36 -13.71
O1 SO4 K . 25.17 5.41 -14.01
O2 SO4 K . 24.89 3.10 -13.47
O3 SO4 K . 23.29 4.22 -14.84
O4 SO4 K . 23.43 4.75 -12.53
S SO4 L . 37.76 -16.24 -6.30
O1 SO4 L . 39.14 -16.40 -5.88
O2 SO4 L . 37.48 -17.12 -7.43
O3 SO4 L . 36.88 -16.59 -5.19
O4 SO4 L . 37.51 -14.85 -6.68
C1 GOL M . 10.54 -8.01 -11.89
O1 GOL M . 9.23 -8.38 -12.23
C2 GOL M . 10.61 -6.55 -11.46
O2 GOL M . 11.33 -6.48 -10.24
C3 GOL M . 11.33 -5.74 -12.52
O3 GOL M . 12.11 -4.73 -11.90
C1 GOL N . 45.72 1.00 -25.02
O1 GOL N . 45.77 2.38 -24.73
C2 GOL N . 44.57 0.71 -25.97
O2 GOL N . 44.10 1.92 -26.57
C3 GOL N . 45.06 -0.23 -27.06
O3 GOL N . 44.05 -0.44 -28.03
C1 GOL O . 4.32 15.42 4.61
O1 GOL O . 4.87 16.70 4.78
C2 GOL O . 5.43 14.40 4.48
O2 GOL O . 6.70 15.00 4.65
C3 GOL O . 5.23 13.29 5.51
O3 GOL O . 6.48 12.70 5.81
S SO4 P . -18.14 15.01 -1.58
O1 SO4 P . -17.10 14.53 -2.48
O2 SO4 P . -18.51 13.95 -0.65
O3 SO4 P . -19.31 15.40 -2.35
O4 SO4 P . -17.64 16.16 -0.84
S SO4 Q . -13.91 13.69 2.39
O1 SO4 Q . -12.63 13.01 2.47
O2 SO4 Q . -14.71 13.11 1.33
O3 SO4 Q . -14.62 13.54 3.66
O4 SO4 Q . -13.67 15.10 2.12
S SO4 R . -7.77 -7.74 9.26
O1 SO4 R . -6.40 -7.55 8.82
O2 SO4 R . -8.54 -8.40 8.22
O3 SO4 R . -7.78 -8.57 10.47
O4 SO4 R . -8.36 -6.44 9.57
S SO4 S . -24.69 -0.27 39.64
O1 SO4 S . -23.43 0.27 40.14
O2 SO4 S . -24.45 -1.51 38.89
O3 SO4 S . -25.57 -0.55 40.77
O4 SO4 S . -25.30 0.72 38.77
S SO4 T . -30.96 -1.65 42.33
O1 SO4 T . -29.80 -2.40 42.79
O2 SO4 T . -31.46 -2.22 41.09
O3 SO4 T . -32.00 -1.68 43.34
O4 SO4 T . -30.57 -0.25 42.09
S SO4 U . -16.92 -18.81 28.20
O1 SO4 U . -15.92 -18.31 27.25
O2 SO4 U . -16.47 -20.10 28.73
O3 SO4 U . -17.07 -17.86 29.29
O4 SO4 U . -18.20 -18.99 27.52
S SO4 V . -25.46 8.03 11.74
O1 SO4 V . -26.09 7.89 10.43
O2 SO4 V . -24.02 8.21 11.56
O3 SO4 V . -25.71 6.83 12.53
O4 SO4 V . -26.01 9.20 12.43
S SO4 W . -17.68 8.52 2.32
O1 SO4 W . -16.36 8.98 2.72
O2 SO4 W . -17.56 7.35 1.47
O3 SO4 W . -18.47 8.17 3.51
O4 SO4 W . -18.37 9.58 1.60
S SO4 X . -49.38 16.37 15.21
O1 SO4 X . -48.02 16.04 15.64
O2 SO4 X . -49.68 15.65 13.97
O3 SO4 X . -50.32 15.96 16.24
O4 SO4 X . -49.49 17.80 14.98
#